data_1SAQ
# 
_entry.id   1SAQ 
# 
_audit_conform.dict_name       mmcif_pdbx.dic 
_audit_conform.dict_version    5.388 
_audit_conform.dict_location   http://mmcif.pdb.org/dictionaries/ascii/mmcif_pdbx.dic 
# 
loop_
_database_2.database_id 
_database_2.database_code 
_database_2.pdbx_database_accession 
_database_2.pdbx_DOI 
PDB   1SAQ         pdb_00001saq 10.2210/pdb1saq/pdb 
NDB   AR0049       ?            ?                   
RCSB  RCSB021563   ?            ?                   
WWPDB D_1000021563 ?            ?                   
# 
loop_
_pdbx_audit_revision_history.ordinal 
_pdbx_audit_revision_history.data_content_type 
_pdbx_audit_revision_history.major_revision 
_pdbx_audit_revision_history.minor_revision 
_pdbx_audit_revision_history.revision_date 
1 'Structure model' 1 0 2004-05-18 
2 'Structure model' 1 1 2008-04-29 
3 'Structure model' 1 2 2011-07-13 
4 'Structure model' 1 3 2024-03-13 
# 
_pdbx_audit_revision_details.ordinal             1 
_pdbx_audit_revision_details.revision_ordinal    1 
_pdbx_audit_revision_details.data_content_type   'Structure model' 
_pdbx_audit_revision_details.provider            repository 
_pdbx_audit_revision_details.type                'Initial release' 
_pdbx_audit_revision_details.description         ? 
_pdbx_audit_revision_details.details             ? 
# 
loop_
_pdbx_audit_revision_group.ordinal 
_pdbx_audit_revision_group.revision_ordinal 
_pdbx_audit_revision_group.data_content_type 
_pdbx_audit_revision_group.group 
1 2 'Structure model' 'Version format compliance' 
2 3 'Structure model' 'Version format compliance' 
3 4 'Structure model' 'Data collection'           
4 4 'Structure model' 'Database references'       
# 
loop_
_pdbx_audit_revision_category.ordinal 
_pdbx_audit_revision_category.revision_ordinal 
_pdbx_audit_revision_category.data_content_type 
_pdbx_audit_revision_category.category 
1 4 'Structure model' chem_comp_atom 
2 4 'Structure model' chem_comp_bond 
3 4 'Structure model' database_2     
# 
loop_
_pdbx_audit_revision_item.ordinal 
_pdbx_audit_revision_item.revision_ordinal 
_pdbx_audit_revision_item.data_content_type 
_pdbx_audit_revision_item.item 
1 4 'Structure model' '_database_2.pdbx_DOI'                
2 4 'Structure model' '_database_2.pdbx_database_accession' 
# 
_pdbx_database_status.status_code                     REL 
_pdbx_database_status.entry_id                        1SAQ 
_pdbx_database_status.recvd_initial_deposition_date   2004-02-09 
_pdbx_database_status.deposit_site                    RCSB 
_pdbx_database_status.process_site                    PDBJ 
_pdbx_database_status.status_code_sf                  REL 
_pdbx_database_status.SG_entry                        . 
_pdbx_database_status.pdb_format_compatible           Y 
_pdbx_database_status.status_code_mr                  ? 
_pdbx_database_status.status_code_cs                  ? 
_pdbx_database_status.status_code_nmr_data            ? 
_pdbx_database_status.methods_development_category    ? 
# 
loop_
_pdbx_database_related.db_name 
_pdbx_database_related.db_id 
_pdbx_database_related.details 
_pdbx_database_related.content_type 
NDB AR0001 'crystal structure of the RNA octamer CGCCAGCG' unspecified 
PDB 1SA9   'RNA octamer GGCGAGCC'                          unspecified 
# 
loop_
_audit_author.name 
_audit_author.pdbx_ordinal 
'Jang, S.B.'        1 
'Baeyens, K.'       2 
'Jeong, M.S.'       3 
'SantaLucia Jr, J.' 4 
'Turner, D.'        5 
'Holbrook, S.R.'    6 
# 
_citation.id                        primary 
_citation.title                     'Structures of two RNA octamers containing tandem G.A base pairs.' 
_citation.journal_abbrev            'Acta Crystallogr.,Sect.D' 
_citation.journal_volume            60 
_citation.page_first                829 
_citation.page_last                 835 
_citation.year                      2004 
_citation.journal_id_ASTM           ABCRE6 
_citation.country                   DK 
_citation.journal_id_ISSN           0907-4449 
_citation.journal_id_CSD            0766 
_citation.book_publisher            ? 
_citation.pdbx_database_id_PubMed   15103128 
_citation.pdbx_database_id_DOI      10.1107/S0907444904003804 
# 
loop_
_citation_author.citation_id 
_citation_author.name 
_citation_author.ordinal 
_citation_author.identifier_ORCID 
primary 'Jang, S.B.'     1 ? 
primary 'Baeyens, K.'    2 ? 
primary 'Jeong, M.S.'    3 ? 
primary 'SantaLucia, J.' 4 ? 
primary 'Turner, D.'     5 ? 
primary 'Holbrook, S.R.' 6 ? 
# 
loop_
_entity.id 
_entity.type 
_entity.src_method 
_entity.pdbx_description 
_entity.formula_weight 
_entity.pdbx_number_of_molecules 
_entity.pdbx_ec 
_entity.pdbx_mutation 
_entity.pdbx_fragment 
_entity.details 
1 polymer syn "5'-R(*GP*IP*CP*GP*AP*GP*CP*C)-3'" 2565.602 5  ? ? ? 'RNA double helix' 
2 water   nat water                              18.015   20 ? ? ? ?                  
# 
_entity_poly.entity_id                      1 
_entity_poly.type                           polyribonucleotide 
_entity_poly.nstd_linkage                   no 
_entity_poly.nstd_monomer                   no 
_entity_poly.pdbx_seq_one_letter_code       GICGAGCC 
_entity_poly.pdbx_seq_one_letter_code_can   GICGAGCC 
_entity_poly.pdbx_strand_id                 A,B,C,D,E 
_entity_poly.pdbx_target_identifier         ? 
# 
_pdbx_entity_nonpoly.entity_id   2 
_pdbx_entity_nonpoly.name        water 
_pdbx_entity_nonpoly.comp_id     HOH 
# 
loop_
_entity_poly_seq.entity_id 
_entity_poly_seq.num 
_entity_poly_seq.mon_id 
_entity_poly_seq.hetero 
1 1 G n 
1 2 I n 
1 3 C n 
1 4 G n 
1 5 A n 
1 6 G n 
1 7 C n 
1 8 C n 
# 
loop_
_chem_comp.id 
_chem_comp.type 
_chem_comp.mon_nstd_flag 
_chem_comp.name 
_chem_comp.pdbx_synonyms 
_chem_comp.formula 
_chem_comp.formula_weight 
A   'RNA linking' y "ADENOSINE-5'-MONOPHOSPHATE" ? 'C10 H14 N5 O7 P' 347.221 
C   'RNA linking' y "CYTIDINE-5'-MONOPHOSPHATE"  ? 'C9 H14 N3 O8 P'  323.197 
G   'RNA linking' y "GUANOSINE-5'-MONOPHOSPHATE" ? 'C10 H14 N5 O8 P' 363.221 
HOH non-polymer   . WATER                        ? 'H2 O'            18.015  
I   'RNA linking' y 'INOSINIC ACID'              ? 'C10 H13 N4 O8 P' 348.206 
# 
loop_
_pdbx_poly_seq_scheme.asym_id 
_pdbx_poly_seq_scheme.entity_id 
_pdbx_poly_seq_scheme.seq_id 
_pdbx_poly_seq_scheme.mon_id 
_pdbx_poly_seq_scheme.ndb_seq_num 
_pdbx_poly_seq_scheme.pdb_seq_num 
_pdbx_poly_seq_scheme.auth_seq_num 
_pdbx_poly_seq_scheme.pdb_mon_id 
_pdbx_poly_seq_scheme.auth_mon_id 
_pdbx_poly_seq_scheme.pdb_strand_id 
_pdbx_poly_seq_scheme.pdb_ins_code 
_pdbx_poly_seq_scheme.hetero 
A 1 1 G 1 101 101 G GUA A . n 
A 1 2 I 2 102 102 I INO A . n 
A 1 3 C 3 103 103 C CYT A . n 
A 1 4 G 4 104 104 G GUA A . n 
A 1 5 A 5 105 105 A ADE A . n 
A 1 6 G 6 106 106 G GUA A . n 
A 1 7 C 7 107 107 C CYT A . n 
A 1 8 C 8 108 108 C CYT A . n 
B 1 1 G 1 109 109 G GUA B . n 
B 1 2 I 2 110 110 I INO B . n 
B 1 3 C 3 111 111 C CYT B . n 
B 1 4 G 4 112 112 G GUA B . n 
B 1 5 A 5 113 113 A ADE B . n 
B 1 6 G 6 114 114 G GUA B . n 
B 1 7 C 7 115 115 C CYT B . n 
B 1 8 C 8 116 116 C CYT B . n 
C 1 1 G 1 201 201 G GUA C . n 
C 1 2 I 2 202 202 I INO C . n 
C 1 3 C 3 203 203 C CYT C . n 
C 1 4 G 4 204 204 G GUA C . n 
C 1 5 A 5 205 205 A ADE C . n 
C 1 6 G 6 206 206 G GUA C . n 
C 1 7 C 7 207 207 C CYT C . n 
C 1 8 C 8 208 208 C CYT C . n 
D 1 1 G 1 209 209 G GUA D . n 
D 1 2 I 2 210 210 I INO D . n 
D 1 3 C 3 211 211 C CYT D . n 
D 1 4 G 4 212 212 G GUA D . n 
D 1 5 A 5 213 213 A ADE D . n 
D 1 6 G 6 214 214 G GUA D . n 
D 1 7 C 7 215 215 C CYT D . n 
D 1 8 C 8 216 216 C CYT D . n 
E 1 1 G 1 301 301 G GUA E . n 
E 1 2 I 2 302 302 I INO E . n 
E 1 3 C 3 303 303 C CYT E . n 
E 1 4 G 4 304 304 G GUA E . n 
E 1 5 A 5 305 305 A ADE E . n 
E 1 6 G 6 306 306 G GUA E . n 
E 1 7 C 7 307 307 C CYT E . n 
E 1 8 C 8 308 308 C CYT E . n 
# 
loop_
_pdbx_nonpoly_scheme.asym_id 
_pdbx_nonpoly_scheme.entity_id 
_pdbx_nonpoly_scheme.mon_id 
_pdbx_nonpoly_scheme.ndb_seq_num 
_pdbx_nonpoly_scheme.pdb_seq_num 
_pdbx_nonpoly_scheme.auth_seq_num 
_pdbx_nonpoly_scheme.pdb_mon_id 
_pdbx_nonpoly_scheme.auth_mon_id 
_pdbx_nonpoly_scheme.pdb_strand_id 
_pdbx_nonpoly_scheme.pdb_ins_code 
F 2 HOH 1 516 516 HOH TIP A . 
G 2 HOH 1 506 506 HOH TIP B . 
G 2 HOH 2 507 507 HOH TIP B . 
G 2 HOH 3 508 508 HOH TIP B . 
G 2 HOH 4 515 515 HOH TIP B . 
H 2 HOH 1 501 501 HOH TIP C . 
H 2 HOH 2 504 504 HOH TIP C . 
H 2 HOH 3 517 517 HOH TIP C . 
I 2 HOH 1 502 502 HOH TIP D . 
I 2 HOH 2 503 503 HOH TIP D . 
I 2 HOH 3 505 505 HOH TIP D . 
I 2 HOH 4 518 518 HOH TIP D . 
J 2 HOH 1 509 509 HOH TIP E . 
J 2 HOH 2 510 510 HOH TIP E . 
J 2 HOH 3 511 511 HOH TIP E . 
J 2 HOH 4 512 512 HOH TIP E . 
J 2 HOH 5 513 513 HOH TIP E . 
J 2 HOH 6 514 514 HOH TIP E . 
J 2 HOH 7 519 519 HOH TIP E . 
J 2 HOH 8 520 520 HOH TIP E . 
# 
loop_
_software.name 
_software.classification 
_software.version 
_software.citation_id 
_software.pdbx_ordinal 
DENZO     'data reduction' . ? 1 
SCALEPACK 'data scaling'   . ? 2 
EPMR      phasing          . ? 3 
CNS       refinement       . ? 4 
# 
_cell.entry_id           1SAQ 
_cell.length_a           69.65 
_cell.length_b           69.65 
_cell.length_c           67.81 
_cell.angle_alpha        90 
_cell.angle_beta         90 
_cell.angle_gamma        120 
_cell.pdbx_unique_axis   ? 
_cell.Z_PDB              30 
# 
_symmetry.entry_id                         1SAQ 
_symmetry.space_group_name_H-M             'P 64' 
_symmetry.pdbx_full_space_group_name_H-M   ? 
_symmetry.Int_Tables_number                172 
_symmetry.cell_setting                     ? 
# 
_exptl.entry_id          1SAQ 
_exptl.method            'X-RAY DIFFRACTION' 
_exptl.crystals_number   1 
# 
_exptl_crystal.id                    1 
_exptl_crystal.density_meas          ? 
_exptl_crystal.density_Matthews      3.90 
_exptl_crystal.density_percent_sol   68.20 
_exptl_crystal.description           ? 
# 
_exptl_crystal_grow.crystal_id      1 
_exptl_crystal_grow.method          'VAPOR DIFFUSION, HANGING DROP' 
_exptl_crystal_grow.temp            298 
_exptl_crystal_grow.temp_details    ? 
_exptl_crystal_grow.pH              7.5 
_exptl_crystal_grow.pdbx_details    'MgCl2, Hepes, PEG400, (NH4)2SO4, pH 7.5, VAPOR DIFFUSION, HANGING DROP, temperature 298K' 
_exptl_crystal_grow.pdbx_pH_range   . 
# 
loop_
_exptl_crystal_grow_comp.crystal_id 
_exptl_crystal_grow_comp.id 
_exptl_crystal_grow_comp.sol_id 
_exptl_crystal_grow_comp.name 
_exptl_crystal_grow_comp.volume 
_exptl_crystal_grow_comp.conc 
_exptl_crystal_grow_comp.details 
1 1 1 MgCl2       ? ? ? 
1 2 1 Hepes       ? ? ? 
1 3 1 PEG400      ? ? ? 
1 4 1 '(NH4)2SO4' ? ? ? 
1 5 2 MgCl2       ? ? ? 
1 6 2 Hepes       ? ? ? 
1 7 2 PEG400      ? ? ? 
1 8 2 '(NH4)2SO4' ? ? ? 
# 
_diffrn.id                     1 
_diffrn.ambient_temp           298 
_diffrn.ambient_temp_details   ? 
_diffrn.crystal_id             1 
# 
_diffrn_detector.diffrn_id              1 
_diffrn_detector.detector               'IMAGE PLATE' 
_diffrn_detector.type                   'RIGAKU RAXIS IIC' 
_diffrn_detector.pdbx_collection_date   1995-04-03 
_diffrn_detector.details                ? 
# 
_diffrn_radiation.diffrn_id                        1 
_diffrn_radiation.wavelength_id                    1 
_diffrn_radiation.pdbx_monochromatic_or_laue_m_l   M 
_diffrn_radiation.monochromator                    'Cu Ka' 
_diffrn_radiation.pdbx_diffrn_protocol             'SINGLE WAVELENGTH' 
_diffrn_radiation.pdbx_scattering_type             x-ray 
# 
_diffrn_radiation_wavelength.id           1 
_diffrn_radiation_wavelength.wavelength   1.5418 
_diffrn_radiation_wavelength.wt           1.0 
# 
_diffrn_source.diffrn_id                   1 
_diffrn_source.source                      'ROTATING ANODE' 
_diffrn_source.type                        RIGAKU 
_diffrn_source.pdbx_synchrotron_site       ? 
_diffrn_source.pdbx_synchrotron_beamline   ? 
_diffrn_source.pdbx_wavelength             ? 
_diffrn_source.pdbx_wavelength_list        1.5418 
# 
_reflns.entry_id                     1SAQ 
_reflns.observed_criterion_sigma_F   ? 
_reflns.observed_criterion_sigma_I   ? 
_reflns.d_resolution_high            2.7 
_reflns.d_resolution_low             30 
_reflns.number_all                   ? 
_reflns.number_obs                   3700 
_reflns.percent_possible_obs         ? 
_reflns.pdbx_Rmerge_I_obs            0.09 
_reflns.pdbx_Rsym_value              ? 
_reflns.pdbx_netI_over_sigmaI        ? 
_reflns.B_iso_Wilson_estimate        ? 
_reflns.pdbx_redundancy              ? 
_reflns.R_free_details               ? 
_reflns.pdbx_diffrn_id               1 
_reflns.pdbx_ordinal                 1 
# 
_reflns_shell.d_res_high             2.7 
_reflns_shell.d_res_low              2.8 
_reflns_shell.percent_possible_all   ? 
_reflns_shell.Rmerge_I_obs           ? 
_reflns_shell.pdbx_Rsym_value        ? 
_reflns_shell.meanI_over_sigI_obs    ? 
_reflns_shell.pdbx_redundancy        ? 
_reflns_shell.percent_possible_obs   ? 
_reflns_shell.number_unique_all      ? 
_reflns_shell.pdbx_diffrn_id         ? 
_reflns_shell.pdbx_ordinal           1 
# 
_refine.entry_id                                 1SAQ 
_refine.ls_d_res_high                            2.7 
_refine.ls_d_res_low                             29.56 
_refine.pdbx_ls_sigma_F                          2.5 
_refine.pdbx_ls_sigma_I                          ? 
_refine.ls_number_reflns_all                     4991 
_refine.ls_number_reflns_obs                     3438 
_refine.ls_number_reflns_R_free                  339 
_refine.ls_percent_reflns_obs                    ? 
_refine.ls_R_factor_all                          ? 
_refine.ls_R_factor_obs                          ? 
_refine.ls_R_factor_R_work                       0.238 
_refine.ls_R_factor_R_free                       0.297 
_refine.ls_redundancy_reflns_obs                 ? 
_refine.pdbx_data_cutoff_high_absF               ? 
_refine.pdbx_data_cutoff_low_absF                ? 
_refine.ls_number_parameters                     ? 
_refine.ls_number_restraints                     ? 
_refine.ls_percent_reflns_R_free                 ? 
_refine.ls_R_factor_R_free_error                 ? 
_refine.ls_R_factor_R_free_error_details         ? 
_refine.pdbx_method_to_determine_struct          'MOLECULAR REPLACEMENT' 
_refine.pdbx_starting_model                      ? 
_refine.pdbx_ls_cross_valid_method               ? 
_refine.pdbx_R_Free_selection_details            RANDOM 
_refine.pdbx_stereochem_target_val_spec_case     ? 
_refine.pdbx_stereochemistry_target_values       'Engh & Huber' 
_refine.solvent_model_details                    ? 
_refine.solvent_model_param_bsol                 ? 
_refine.solvent_model_param_ksol                 ? 
_refine.occupancy_max                            ? 
_refine.occupancy_min                            ? 
_refine.pdbx_isotropic_thermal_model             ? 
_refine.B_iso_mean                               ? 
_refine.aniso_B[1][1]                            ? 
_refine.aniso_B[1][2]                            ? 
_refine.aniso_B[1][3]                            ? 
_refine.aniso_B[2][2]                            ? 
_refine.aniso_B[2][3]                            ? 
_refine.aniso_B[3][3]                            ? 
_refine.details                                  ? 
_refine.correlation_coeff_Fo_to_Fc               ? 
_refine.correlation_coeff_Fo_to_Fc_free          ? 
_refine.pdbx_solvent_vdw_probe_radii             ? 
_refine.pdbx_solvent_ion_probe_radii             ? 
_refine.pdbx_solvent_shrinkage_radii             ? 
_refine.overall_SU_R_Cruickshank_DPI             ? 
_refine.overall_SU_R_free                        ? 
_refine.overall_SU_B                             ? 
_refine.overall_SU_ML                            ? 
_refine.pdbx_overall_ESU_R                       ? 
_refine.pdbx_overall_ESU_R_Free                  ? 
_refine.pdbx_data_cutoff_high_rms_absF           ? 
_refine.pdbx_refine_id                           'X-RAY DIFFRACTION' 
_refine.pdbx_diffrn_id                           1 
_refine.pdbx_TLS_residual_ADP_flag               ? 
_refine.pdbx_overall_phase_error                 ? 
_refine.pdbx_overall_SU_R_free_Cruickshank_DPI   ? 
_refine.pdbx_overall_SU_R_Blow_DPI               ? 
_refine.pdbx_overall_SU_R_free_Blow_DPI          ? 
# 
_refine_hist.pdbx_refine_id                   'X-RAY DIFFRACTION' 
_refine_hist.cycle_id                         LAST 
_refine_hist.pdbx_number_atoms_protein        0 
_refine_hist.pdbx_number_atoms_nucleic_acid   850 
_refine_hist.pdbx_number_atoms_ligand         0 
_refine_hist.number_atoms_solvent             20 
_refine_hist.number_atoms_total               870 
_refine_hist.d_res_high                       2.7 
_refine_hist.d_res_low                        29.56 
# 
loop_
_refine_ls_restr.type 
_refine_ls_restr.dev_ideal 
_refine_ls_restr.dev_ideal_target 
_refine_ls_restr.weight 
_refine_ls_restr.number 
_refine_ls_restr.pdbx_refine_id 
_refine_ls_restr.pdbx_restraint_function 
c_bond_d    0.005 ? ? ? 'X-RAY DIFFRACTION' ? 
c_angle_deg 0.973 ? ? ? 'X-RAY DIFFRACTION' ? 
# 
_struct.entry_id                  1SAQ 
_struct.title                     'Crystal Structure of the RNA octamer GIC(GA)GCC' 
_struct.pdbx_model_details        ? 
_struct.pdbx_CASP_flag            ? 
_struct.pdbx_model_type_details   ? 
# 
_struct_keywords.entry_id        1SAQ 
_struct_keywords.pdbx_keywords   RNA 
_struct_keywords.text            'RNA double helix, RNA tandem G-A base pair, RNA' 
# 
loop_
_struct_asym.id 
_struct_asym.pdbx_blank_PDB_chainid_flag 
_struct_asym.pdbx_modified 
_struct_asym.entity_id 
_struct_asym.details 
A N N 1 ? 
B N N 1 ? 
C N N 1 ? 
D N N 1 ? 
E N N 1 ? 
F N N 2 ? 
G N N 2 ? 
H N N 2 ? 
I N N 2 ? 
J N N 2 ? 
# 
_struct_ref.id                         1 
_struct_ref.entity_id                  1 
_struct_ref.db_name                    PDB 
_struct_ref.db_code                    1SAQ 
_struct_ref.pdbx_db_accession          1SAQ 
_struct_ref.pdbx_db_isoform            ? 
_struct_ref.pdbx_seq_one_letter_code   ? 
_struct_ref.pdbx_align_begin           ? 
# 
loop_
_struct_ref_seq.align_id 
_struct_ref_seq.ref_id 
_struct_ref_seq.pdbx_PDB_id_code 
_struct_ref_seq.pdbx_strand_id 
_struct_ref_seq.seq_align_beg 
_struct_ref_seq.pdbx_seq_align_beg_ins_code 
_struct_ref_seq.seq_align_end 
_struct_ref_seq.pdbx_seq_align_end_ins_code 
_struct_ref_seq.pdbx_db_accession 
_struct_ref_seq.db_align_beg 
_struct_ref_seq.pdbx_db_align_beg_ins_code 
_struct_ref_seq.db_align_end 
_struct_ref_seq.pdbx_db_align_end_ins_code 
_struct_ref_seq.pdbx_auth_seq_align_beg 
_struct_ref_seq.pdbx_auth_seq_align_end 
1 1 1SAQ A 1 ? 8 ? 1SAQ 101 ? 108 ? 101 108 
2 1 1SAQ B 1 ? 8 ? 1SAQ 109 ? 116 ? 109 116 
3 1 1SAQ C 1 ? 8 ? 1SAQ 201 ? 208 ? 201 208 
4 1 1SAQ D 1 ? 8 ? 1SAQ 209 ? 216 ? 209 216 
5 1 1SAQ E 1 ? 8 ? 1SAQ 301 ? 308 ? 301 308 
# 
loop_
_pdbx_struct_assembly.id 
_pdbx_struct_assembly.details 
_pdbx_struct_assembly.method_details 
_pdbx_struct_assembly.oligomeric_details 
_pdbx_struct_assembly.oligomeric_count 
1 author_defined_assembly ? dimeric 2 
2 author_defined_assembly ? dimeric 2 
3 author_defined_assembly ? dimeric 2 
# 
loop_
_pdbx_struct_assembly_gen.assembly_id 
_pdbx_struct_assembly_gen.oper_expression 
_pdbx_struct_assembly_gen.asym_id_list 
1 1   A,B,F,G 
2 1   C,D,H,I 
3 1,2 E,J     
# 
loop_
_pdbx_struct_oper_list.id 
_pdbx_struct_oper_list.type 
_pdbx_struct_oper_list.name 
_pdbx_struct_oper_list.symmetry_operation 
_pdbx_struct_oper_list.matrix[1][1] 
_pdbx_struct_oper_list.matrix[1][2] 
_pdbx_struct_oper_list.matrix[1][3] 
_pdbx_struct_oper_list.vector[1] 
_pdbx_struct_oper_list.matrix[2][1] 
_pdbx_struct_oper_list.matrix[2][2] 
_pdbx_struct_oper_list.matrix[2][3] 
_pdbx_struct_oper_list.vector[2] 
_pdbx_struct_oper_list.matrix[3][1] 
_pdbx_struct_oper_list.matrix[3][2] 
_pdbx_struct_oper_list.matrix[3][3] 
_pdbx_struct_oper_list.vector[3] 
1 'identity operation'         1_555 x,y,z     1.0000000000  0.0000000000  0.0000000000 0.0000000000  0.0000000000  1.0000000000  0.0000000000  0.0000000000   0.0000000000 0.0000000000  1.0000000000  0.0000000000   
2 'crystal symmetry operation' 4_655 -x+1,-y,z -0.9527653537 -0.2138909623 0.2156127013 15.1304984662 -0.2138909623 -0.0314451914 -0.9763512975 -23.7778591752 0.2156127013 -0.9763512975 -0.0157894549 -26.9026494740 
# 
loop_
_struct_conn.id 
_struct_conn.conn_type_id 
_struct_conn.pdbx_leaving_atom_flag 
_struct_conn.pdbx_PDB_id 
_struct_conn.ptnr1_label_asym_id 
_struct_conn.ptnr1_label_comp_id 
_struct_conn.ptnr1_label_seq_id 
_struct_conn.ptnr1_label_atom_id 
_struct_conn.pdbx_ptnr1_label_alt_id 
_struct_conn.pdbx_ptnr1_PDB_ins_code 
_struct_conn.pdbx_ptnr1_standard_comp_id 
_struct_conn.ptnr1_symmetry 
_struct_conn.ptnr2_label_asym_id 
_struct_conn.ptnr2_label_comp_id 
_struct_conn.ptnr2_label_seq_id 
_struct_conn.ptnr2_label_atom_id 
_struct_conn.pdbx_ptnr2_label_alt_id 
_struct_conn.pdbx_ptnr2_PDB_ins_code 
_struct_conn.ptnr1_auth_asym_id 
_struct_conn.ptnr1_auth_comp_id 
_struct_conn.ptnr1_auth_seq_id 
_struct_conn.ptnr2_auth_asym_id 
_struct_conn.ptnr2_auth_comp_id 
_struct_conn.ptnr2_auth_seq_id 
_struct_conn.ptnr2_symmetry 
_struct_conn.pdbx_ptnr3_label_atom_id 
_struct_conn.pdbx_ptnr3_label_seq_id 
_struct_conn.pdbx_ptnr3_label_comp_id 
_struct_conn.pdbx_ptnr3_label_asym_id 
_struct_conn.pdbx_ptnr3_label_alt_id 
_struct_conn.pdbx_ptnr3_PDB_ins_code 
_struct_conn.details 
_struct_conn.pdbx_dist_value 
_struct_conn.pdbx_value_order 
_struct_conn.pdbx_role 
hydrog1  hydrog ? ? A G 1 N1 ? ? ? 1_555 B C 8 N3 ? ? A G 101 B C 116 1_555 ? ? ? ? ? ? WATSON-CRICK  ? ? ? 
hydrog2  hydrog ? ? A G 1 N2 ? ? ? 1_555 B C 8 O2 ? ? A G 101 B C 116 1_555 ? ? ? ? ? ? WATSON-CRICK  ? ? ? 
hydrog3  hydrog ? ? A G 1 O6 ? ? ? 1_555 B C 8 N4 ? ? A G 101 B C 116 1_555 ? ? ? ? ? ? WATSON-CRICK  ? ? ? 
hydrog4  hydrog ? ? A I 2 N1 ? ? ? 1_555 B C 7 O2 ? ? A I 102 B C 115 1_555 ? ? ? ? ? ? 'I-C PAIR'    ? ? ? 
hydrog5  hydrog ? ? A C 3 N3 ? ? ? 1_555 B G 6 N1 ? ? A C 103 B G 114 1_555 ? ? ? ? ? ? WATSON-CRICK  ? ? ? 
hydrog6  hydrog ? ? A C 3 N4 ? ? ? 1_555 B G 6 O6 ? ? A C 103 B G 114 1_555 ? ? ? ? ? ? WATSON-CRICK  ? ? ? 
hydrog7  hydrog ? ? A C 3 O2 ? ? ? 1_555 B G 6 N2 ? ? A C 103 B G 114 1_555 ? ? ? ? ? ? WATSON-CRICK  ? ? ? 
hydrog8  hydrog ? ? A G 4 N2 ? ? ? 1_555 B A 5 N7 ? ? A G 104 B A 113 1_555 ? ? ? ? ? ? TYPE_11_PAIR  ? ? ? 
hydrog9  hydrog ? ? A G 4 N3 ? ? ? 1_555 B A 5 N6 ? ? A G 104 B A 113 1_555 ? ? ? ? ? ? TYPE_11_PAIR  ? ? ? 
hydrog10 hydrog ? ? A A 5 N6 ? ? ? 1_555 B G 4 N3 ? ? A A 105 B G 112 1_555 ? ? ? ? ? ? TYPE_11_PAIR  ? ? ? 
hydrog11 hydrog ? ? A A 5 N7 ? ? ? 1_555 B G 4 N2 ? ? A A 105 B G 112 1_555 ? ? ? ? ? ? TYPE_11_PAIR  ? ? ? 
hydrog12 hydrog ? ? A G 6 N1 ? ? ? 1_555 B C 3 N3 ? ? A G 106 B C 111 1_555 ? ? ? ? ? ? WATSON-CRICK  ? ? ? 
hydrog13 hydrog ? ? A G 6 N2 ? ? ? 1_555 B C 3 O2 ? ? A G 106 B C 111 1_555 ? ? ? ? ? ? WATSON-CRICK  ? ? ? 
hydrog14 hydrog ? ? A G 6 O6 ? ? ? 1_555 B C 3 N4 ? ? A G 106 B C 111 1_555 ? ? ? ? ? ? WATSON-CRICK  ? ? ? 
hydrog15 hydrog ? ? A C 7 N4 ? ? ? 1_555 B I 2 O6 ? ? A C 107 B I 110 1_555 ? ? ? ? ? ? 'C-I PAIR'    ? ? ? 
hydrog16 hydrog ? ? A C 8 N3 ? ? ? 1_555 B G 1 N1 ? ? A C 108 B G 109 1_555 ? ? ? ? ? ? WATSON-CRICK  ? ? ? 
hydrog17 hydrog ? ? A C 8 N4 ? ? ? 1_555 B G 1 O6 ? ? A C 108 B G 109 1_555 ? ? ? ? ? ? WATSON-CRICK  ? ? ? 
hydrog18 hydrog ? ? A C 8 O2 ? ? ? 1_555 B G 1 N2 ? ? A C 108 B G 109 1_555 ? ? ? ? ? ? WATSON-CRICK  ? ? ? 
hydrog19 hydrog ? ? C G 1 N1 ? ? ? 1_555 D C 8 N3 ? ? C G 201 D C 216 1_555 ? ? ? ? ? ? WATSON-CRICK  ? ? ? 
hydrog20 hydrog ? ? C G 1 N2 ? ? ? 1_555 D C 8 O2 ? ? C G 201 D C 216 1_555 ? ? ? ? ? ? WATSON-CRICK  ? ? ? 
hydrog21 hydrog ? ? C G 1 O6 ? ? ? 1_555 D C 8 N4 ? ? C G 201 D C 216 1_555 ? ? ? ? ? ? WATSON-CRICK  ? ? ? 
hydrog22 hydrog ? ? C I 2 N1 ? ? ? 1_555 D C 7 N3 ? ? C I 202 D C 215 1_555 ? ? ? ? ? ? 'I-C PAIR'    ? ? ? 
hydrog23 hydrog ? ? C C 3 N3 ? ? ? 1_555 D G 6 N1 ? ? C C 203 D G 214 1_555 ? ? ? ? ? ? WATSON-CRICK  ? ? ? 
hydrog24 hydrog ? ? C C 3 N4 ? ? ? 1_555 D G 6 O6 ? ? C C 203 D G 214 1_555 ? ? ? ? ? ? WATSON-CRICK  ? ? ? 
hydrog25 hydrog ? ? C C 3 O2 ? ? ? 1_555 D G 6 N2 ? ? C C 203 D G 214 1_555 ? ? ? ? ? ? WATSON-CRICK  ? ? ? 
hydrog26 hydrog ? ? C G 4 N2 ? ? ? 1_555 D A 5 N7 ? ? C G 204 D A 213 1_555 ? ? ? ? ? ? 'G-A MISPAIR' ? ? ? 
hydrog27 hydrog ? ? C A 5 N6 ? ? ? 1_555 D G 4 N3 ? ? C A 205 D G 212 1_555 ? ? ? ? ? ? TYPE_11_PAIR  ? ? ? 
hydrog28 hydrog ? ? C A 5 N7 ? ? ? 1_555 D G 4 N2 ? ? C A 205 D G 212 1_555 ? ? ? ? ? ? TYPE_11_PAIR  ? ? ? 
hydrog29 hydrog ? ? C G 6 N1 ? ? ? 1_555 D C 3 N3 ? ? C G 206 D C 211 1_555 ? ? ? ? ? ? WATSON-CRICK  ? ? ? 
hydrog30 hydrog ? ? C G 6 N2 ? ? ? 1_555 D C 3 O2 ? ? C G 206 D C 211 1_555 ? ? ? ? ? ? WATSON-CRICK  ? ? ? 
hydrog31 hydrog ? ? C G 6 O6 ? ? ? 1_555 D C 3 N4 ? ? C G 206 D C 211 1_555 ? ? ? ? ? ? WATSON-CRICK  ? ? ? 
hydrog32 hydrog ? ? C C 7 N4 ? ? ? 1_555 D I 2 O6 ? ? C C 207 D I 210 1_555 ? ? ? ? ? ? 'C-I PAIR'    ? ? ? 
hydrog33 hydrog ? ? C C 8 N3 ? ? ? 1_555 D G 1 N1 ? ? C C 208 D G 209 1_555 ? ? ? ? ? ? WATSON-CRICK  ? ? ? 
hydrog34 hydrog ? ? C C 8 N4 ? ? ? 1_555 D G 1 O6 ? ? C C 208 D G 209 1_555 ? ? ? ? ? ? WATSON-CRICK  ? ? ? 
hydrog35 hydrog ? ? C C 8 O2 ? ? ? 1_555 D G 1 N2 ? ? C C 208 D G 209 1_555 ? ? ? ? ? ? WATSON-CRICK  ? ? ? 
# 
_struct_conn_type.id          hydrog 
_struct_conn_type.criteria    ? 
_struct_conn_type.reference   ? 
# 
_pdbx_validate_close_contact.id               1 
_pdbx_validate_close_contact.PDB_model_num    1 
_pdbx_validate_close_contact.auth_atom_id_1   "O2'" 
_pdbx_validate_close_contact.auth_asym_id_1   C 
_pdbx_validate_close_contact.auth_comp_id_1   G 
_pdbx_validate_close_contact.auth_seq_id_1    206 
_pdbx_validate_close_contact.PDB_ins_code_1   ? 
_pdbx_validate_close_contact.label_alt_id_1   ? 
_pdbx_validate_close_contact.auth_atom_id_2   O 
_pdbx_validate_close_contact.auth_asym_id_2   C 
_pdbx_validate_close_contact.auth_comp_id_2   HOH 
_pdbx_validate_close_contact.auth_seq_id_2    501 
_pdbx_validate_close_contact.PDB_ins_code_2   ? 
_pdbx_validate_close_contact.label_alt_id_2   ? 
_pdbx_validate_close_contact.dist             2.18 
# 
loop_
_chem_comp_atom.comp_id 
_chem_comp_atom.atom_id 
_chem_comp_atom.type_symbol 
_chem_comp_atom.pdbx_aromatic_flag 
_chem_comp_atom.pdbx_stereo_config 
_chem_comp_atom.pdbx_ordinal 
A   OP3    O N N 1   
A   P      P N N 2   
A   OP1    O N N 3   
A   OP2    O N N 4   
A   "O5'"  O N N 5   
A   "C5'"  C N N 6   
A   "C4'"  C N R 7   
A   "O4'"  O N N 8   
A   "C3'"  C N S 9   
A   "O3'"  O N N 10  
A   "C2'"  C N R 11  
A   "O2'"  O N N 12  
A   "C1'"  C N R 13  
A   N9     N Y N 14  
A   C8     C Y N 15  
A   N7     N Y N 16  
A   C5     C Y N 17  
A   C6     C Y N 18  
A   N6     N N N 19  
A   N1     N Y N 20  
A   C2     C Y N 21  
A   N3     N Y N 22  
A   C4     C Y N 23  
A   HOP3   H N N 24  
A   HOP2   H N N 25  
A   "H5'"  H N N 26  
A   "H5''" H N N 27  
A   "H4'"  H N N 28  
A   "H3'"  H N N 29  
A   "HO3'" H N N 30  
A   "H2'"  H N N 31  
A   "HO2'" H N N 32  
A   "H1'"  H N N 33  
A   H8     H N N 34  
A   H61    H N N 35  
A   H62    H N N 36  
A   H2     H N N 37  
C   OP3    O N N 38  
C   P      P N N 39  
C   OP1    O N N 40  
C   OP2    O N N 41  
C   "O5'"  O N N 42  
C   "C5'"  C N N 43  
C   "C4'"  C N R 44  
C   "O4'"  O N N 45  
C   "C3'"  C N S 46  
C   "O3'"  O N N 47  
C   "C2'"  C N R 48  
C   "O2'"  O N N 49  
C   "C1'"  C N R 50  
C   N1     N N N 51  
C   C2     C N N 52  
C   O2     O N N 53  
C   N3     N N N 54  
C   C4     C N N 55  
C   N4     N N N 56  
C   C5     C N N 57  
C   C6     C N N 58  
C   HOP3   H N N 59  
C   HOP2   H N N 60  
C   "H5'"  H N N 61  
C   "H5''" H N N 62  
C   "H4'"  H N N 63  
C   "H3'"  H N N 64  
C   "HO3'" H N N 65  
C   "H2'"  H N N 66  
C   "HO2'" H N N 67  
C   "H1'"  H N N 68  
C   H41    H N N 69  
C   H42    H N N 70  
C   H5     H N N 71  
C   H6     H N N 72  
G   OP3    O N N 73  
G   P      P N N 74  
G   OP1    O N N 75  
G   OP2    O N N 76  
G   "O5'"  O N N 77  
G   "C5'"  C N N 78  
G   "C4'"  C N R 79  
G   "O4'"  O N N 80  
G   "C3'"  C N S 81  
G   "O3'"  O N N 82  
G   "C2'"  C N R 83  
G   "O2'"  O N N 84  
G   "C1'"  C N R 85  
G   N9     N Y N 86  
G   C8     C Y N 87  
G   N7     N Y N 88  
G   C5     C Y N 89  
G   C6     C N N 90  
G   O6     O N N 91  
G   N1     N N N 92  
G   C2     C N N 93  
G   N2     N N N 94  
G   N3     N N N 95  
G   C4     C Y N 96  
G   HOP3   H N N 97  
G   HOP2   H N N 98  
G   "H5'"  H N N 99  
G   "H5''" H N N 100 
G   "H4'"  H N N 101 
G   "H3'"  H N N 102 
G   "HO3'" H N N 103 
G   "H2'"  H N N 104 
G   "HO2'" H N N 105 
G   "H1'"  H N N 106 
G   H8     H N N 107 
G   H1     H N N 108 
G   H21    H N N 109 
G   H22    H N N 110 
HOH O      O N N 111 
HOH H1     H N N 112 
HOH H2     H N N 113 
I   OP3    O N N 114 
I   P      P N N 115 
I   OP1    O N N 116 
I   OP2    O N N 117 
I   "O5'"  O N N 118 
I   "C5'"  C N N 119 
I   "C4'"  C N R 120 
I   "O4'"  O N N 121 
I   "C3'"  C N S 122 
I   "O3'"  O N N 123 
I   "C2'"  C N R 124 
I   "O2'"  O N N 125 
I   "C1'"  C N R 126 
I   N9     N Y N 127 
I   C8     C Y N 128 
I   N7     N Y N 129 
I   C5     C Y N 130 
I   C6     C N N 131 
I   O6     O N N 132 
I   N1     N N N 133 
I   C2     C N N 134 
I   N3     N N N 135 
I   C4     C Y N 136 
I   HOP3   H N N 137 
I   HOP2   H N N 138 
I   "H5'"  H N N 139 
I   "H5''" H N N 140 
I   "H4'"  H N N 141 
I   "H3'"  H N N 142 
I   "HO3'" H N N 143 
I   "H2'"  H N N 144 
I   "HO2'" H N N 145 
I   "H1'"  H N N 146 
I   H8     H N N 147 
I   H1     H N N 148 
I   H2     H N N 149 
# 
loop_
_chem_comp_bond.comp_id 
_chem_comp_bond.atom_id_1 
_chem_comp_bond.atom_id_2 
_chem_comp_bond.value_order 
_chem_comp_bond.pdbx_aromatic_flag 
_chem_comp_bond.pdbx_stereo_config 
_chem_comp_bond.pdbx_ordinal 
A   OP3   P      sing N N 1   
A   OP3   HOP3   sing N N 2   
A   P     OP1    doub N N 3   
A   P     OP2    sing N N 4   
A   P     "O5'"  sing N N 5   
A   OP2   HOP2   sing N N 6   
A   "O5'" "C5'"  sing N N 7   
A   "C5'" "C4'"  sing N N 8   
A   "C5'" "H5'"  sing N N 9   
A   "C5'" "H5''" sing N N 10  
A   "C4'" "O4'"  sing N N 11  
A   "C4'" "C3'"  sing N N 12  
A   "C4'" "H4'"  sing N N 13  
A   "O4'" "C1'"  sing N N 14  
A   "C3'" "O3'"  sing N N 15  
A   "C3'" "C2'"  sing N N 16  
A   "C3'" "H3'"  sing N N 17  
A   "O3'" "HO3'" sing N N 18  
A   "C2'" "O2'"  sing N N 19  
A   "C2'" "C1'"  sing N N 20  
A   "C2'" "H2'"  sing N N 21  
A   "O2'" "HO2'" sing N N 22  
A   "C1'" N9     sing N N 23  
A   "C1'" "H1'"  sing N N 24  
A   N9    C8     sing Y N 25  
A   N9    C4     sing Y N 26  
A   C8    N7     doub Y N 27  
A   C8    H8     sing N N 28  
A   N7    C5     sing Y N 29  
A   C5    C6     sing Y N 30  
A   C5    C4     doub Y N 31  
A   C6    N6     sing N N 32  
A   C6    N1     doub Y N 33  
A   N6    H61    sing N N 34  
A   N6    H62    sing N N 35  
A   N1    C2     sing Y N 36  
A   C2    N3     doub Y N 37  
A   C2    H2     sing N N 38  
A   N3    C4     sing Y N 39  
C   OP3   P      sing N N 40  
C   OP3   HOP3   sing N N 41  
C   P     OP1    doub N N 42  
C   P     OP2    sing N N 43  
C   P     "O5'"  sing N N 44  
C   OP2   HOP2   sing N N 45  
C   "O5'" "C5'"  sing N N 46  
C   "C5'" "C4'"  sing N N 47  
C   "C5'" "H5'"  sing N N 48  
C   "C5'" "H5''" sing N N 49  
C   "C4'" "O4'"  sing N N 50  
C   "C4'" "C3'"  sing N N 51  
C   "C4'" "H4'"  sing N N 52  
C   "O4'" "C1'"  sing N N 53  
C   "C3'" "O3'"  sing N N 54  
C   "C3'" "C2'"  sing N N 55  
C   "C3'" "H3'"  sing N N 56  
C   "O3'" "HO3'" sing N N 57  
C   "C2'" "O2'"  sing N N 58  
C   "C2'" "C1'"  sing N N 59  
C   "C2'" "H2'"  sing N N 60  
C   "O2'" "HO2'" sing N N 61  
C   "C1'" N1     sing N N 62  
C   "C1'" "H1'"  sing N N 63  
C   N1    C2     sing N N 64  
C   N1    C6     sing N N 65  
C   C2    O2     doub N N 66  
C   C2    N3     sing N N 67  
C   N3    C4     doub N N 68  
C   C4    N4     sing N N 69  
C   C4    C5     sing N N 70  
C   N4    H41    sing N N 71  
C   N4    H42    sing N N 72  
C   C5    C6     doub N N 73  
C   C5    H5     sing N N 74  
C   C6    H6     sing N N 75  
G   OP3   P      sing N N 76  
G   OP3   HOP3   sing N N 77  
G   P     OP1    doub N N 78  
G   P     OP2    sing N N 79  
G   P     "O5'"  sing N N 80  
G   OP2   HOP2   sing N N 81  
G   "O5'" "C5'"  sing N N 82  
G   "C5'" "C4'"  sing N N 83  
G   "C5'" "H5'"  sing N N 84  
G   "C5'" "H5''" sing N N 85  
G   "C4'" "O4'"  sing N N 86  
G   "C4'" "C3'"  sing N N 87  
G   "C4'" "H4'"  sing N N 88  
G   "O4'" "C1'"  sing N N 89  
G   "C3'" "O3'"  sing N N 90  
G   "C3'" "C2'"  sing N N 91  
G   "C3'" "H3'"  sing N N 92  
G   "O3'" "HO3'" sing N N 93  
G   "C2'" "O2'"  sing N N 94  
G   "C2'" "C1'"  sing N N 95  
G   "C2'" "H2'"  sing N N 96  
G   "O2'" "HO2'" sing N N 97  
G   "C1'" N9     sing N N 98  
G   "C1'" "H1'"  sing N N 99  
G   N9    C8     sing Y N 100 
G   N9    C4     sing Y N 101 
G   C8    N7     doub Y N 102 
G   C8    H8     sing N N 103 
G   N7    C5     sing Y N 104 
G   C5    C6     sing N N 105 
G   C5    C4     doub Y N 106 
G   C6    O6     doub N N 107 
G   C6    N1     sing N N 108 
G   N1    C2     sing N N 109 
G   N1    H1     sing N N 110 
G   C2    N2     sing N N 111 
G   C2    N3     doub N N 112 
G   N2    H21    sing N N 113 
G   N2    H22    sing N N 114 
G   N3    C4     sing N N 115 
HOH O     H1     sing N N 116 
HOH O     H2     sing N N 117 
I   OP3   P      sing N N 118 
I   OP3   HOP3   sing N N 119 
I   P     OP1    doub N N 120 
I   P     OP2    sing N N 121 
I   P     "O5'"  sing N N 122 
I   OP2   HOP2   sing N N 123 
I   "O5'" "C5'"  sing N N 124 
I   "C5'" "C4'"  sing N N 125 
I   "C5'" "H5'"  sing N N 126 
I   "C5'" "H5''" sing N N 127 
I   "C4'" "O4'"  sing N N 128 
I   "C4'" "C3'"  sing N N 129 
I   "C4'" "H4'"  sing N N 130 
I   "O4'" "C1'"  sing N N 131 
I   "C3'" "O3'"  sing N N 132 
I   "C3'" "C2'"  sing N N 133 
I   "C3'" "H3'"  sing N N 134 
I   "O3'" "HO3'" sing N N 135 
I   "C2'" "O2'"  sing N N 136 
I   "C2'" "C1'"  sing N N 137 
I   "C2'" "H2'"  sing N N 138 
I   "O2'" "HO2'" sing N N 139 
I   "C1'" N9     sing N N 140 
I   "C1'" "H1'"  sing N N 141 
I   N9    C8     sing Y N 142 
I   N9    C4     sing Y N 143 
I   C8    N7     doub Y N 144 
I   C8    H8     sing N N 145 
I   N7    C5     sing Y N 146 
I   C5    C6     sing N N 147 
I   C5    C4     doub Y N 148 
I   C6    O6     doub N N 149 
I   C6    N1     sing N N 150 
I   N1    C2     sing N N 151 
I   N1    H1     sing N N 152 
I   C2    N3     doub N N 153 
I   C2    H2     sing N N 154 
I   N3    C4     sing N N 155 
# 
loop_
_ndb_struct_conf_na.entry_id 
_ndb_struct_conf_na.feature 
1SAQ 'double helix'         
1SAQ 'a-form double helix'  
1SAQ 'mismatched base pair' 
# 
loop_
_ndb_struct_na_base_pair.model_number 
_ndb_struct_na_base_pair.i_label_asym_id 
_ndb_struct_na_base_pair.i_label_comp_id 
_ndb_struct_na_base_pair.i_label_seq_id 
_ndb_struct_na_base_pair.i_symmetry 
_ndb_struct_na_base_pair.j_label_asym_id 
_ndb_struct_na_base_pair.j_label_comp_id 
_ndb_struct_na_base_pair.j_label_seq_id 
_ndb_struct_na_base_pair.j_symmetry 
_ndb_struct_na_base_pair.shear 
_ndb_struct_na_base_pair.stretch 
_ndb_struct_na_base_pair.stagger 
_ndb_struct_na_base_pair.buckle 
_ndb_struct_na_base_pair.propeller 
_ndb_struct_na_base_pair.opening 
_ndb_struct_na_base_pair.pair_number 
_ndb_struct_na_base_pair.pair_name 
_ndb_struct_na_base_pair.i_auth_asym_id 
_ndb_struct_na_base_pair.i_auth_seq_id 
_ndb_struct_na_base_pair.i_PDB_ins_code 
_ndb_struct_na_base_pair.j_auth_asym_id 
_ndb_struct_na_base_pair.j_auth_seq_id 
_ndb_struct_na_base_pair.j_PDB_ins_code 
_ndb_struct_na_base_pair.hbond_type_28 
_ndb_struct_na_base_pair.hbond_type_12 
1 A G 1 1_555 B C 8 1_555 0.283  -0.278 0.215  -1.037 -0.942  0.318   1  A_G101:C116_B A 101 ? B 116 ? 19 1  
1 A I 2 1_555 B C 7 1_555 0.052  -0.504 0.334  5.503  -13.276 8.250   2  A_I102:C115_B A 102 ? B 115 ? ?  1  
1 A C 3 1_555 B G 6 1_555 0.098  -0.375 -0.120 0.765  -14.594 2.398   3  A_C103:G114_B A 103 ? B 114 ? 19 1  
1 A G 4 1_555 B A 5 1_555 7.056  -4.535 0.230  5.707  -9.678  -0.381  4  A_G104:A113_B A 104 ? B 113 ? 11 10 
1 A A 5 1_555 B G 4 1_555 -6.522 -3.937 0.284  -4.050 -13.662 -8.512  5  A_A105:G112_B A 105 ? B 112 ? 11 10 
1 A G 6 1_555 B C 3 1_555 0.241  -0.158 -0.349 -5.805 -6.032  -2.646  6  A_G106:C111_B A 106 ? B 111 ? 19 1  
1 A C 7 1_555 B I 2 1_555 0.403  -0.420 0.432  -8.528 -1.114  2.729   7  A_C107:I110_B A 107 ? B 110 ? ?  1  
1 A C 8 1_555 B G 1 1_555 -0.600 -0.285 0.040  7.904  -8.099  -6.427  8  A_C108:G109_B A 108 ? B 109 ? 19 1  
1 C G 1 1_555 D C 8 1_555 0.534  0.064  -0.236 0.548  -9.668  0.431   9  C_G201:C216_D C 201 ? D 216 ? 19 1  
1 C I 2 1_555 D C 7 1_555 0.285  -0.283 0.449  8.363  -10.693 1.063   10 C_I202:C215_D C 202 ? D 215 ? ?  ?  
1 C C 3 1_555 D G 6 1_555 1.075  -0.691 -0.505 10.721 -19.283 -0.339  11 C_C203:G214_D C 203 ? D 214 ? 19 1  
1 C G 4 1_555 D A 5 1_555 6.980  -4.303 -0.725 1.064  -13.430 -25.541 12 C_G204:A213_D C 204 ? D 213 ? ?  10 
1 C A 5 1_555 D G 4 1_555 -7.098 -3.683 0.450  -1.920 -0.357  -11.727 13 C_A205:G212_D C 205 ? D 212 ? 11 10 
1 C G 6 1_555 D C 3 1_555 -0.817 -0.670 0.015  -1.542 -5.947  -6.625  14 C_G206:C211_D C 206 ? D 211 ? 19 1  
1 C C 7 1_555 D I 2 1_555 -0.304 -0.413 -0.148 5.509  -10.356 3.428   15 C_C207:I210_D C 207 ? D 210 ? ?  ?  
1 C C 8 1_555 D G 1 1_555 0.336  -0.313 -0.119 5.210  -4.330  1.252   16 C_C208:G209_D C 208 ? D 209 ? 19 1  
# 
loop_
_ndb_struct_na_base_pair_step.model_number 
_ndb_struct_na_base_pair_step.i_label_asym_id_1 
_ndb_struct_na_base_pair_step.i_label_comp_id_1 
_ndb_struct_na_base_pair_step.i_label_seq_id_1 
_ndb_struct_na_base_pair_step.i_symmetry_1 
_ndb_struct_na_base_pair_step.j_label_asym_id_1 
_ndb_struct_na_base_pair_step.j_label_comp_id_1 
_ndb_struct_na_base_pair_step.j_label_seq_id_1 
_ndb_struct_na_base_pair_step.j_symmetry_1 
_ndb_struct_na_base_pair_step.i_label_asym_id_2 
_ndb_struct_na_base_pair_step.i_label_comp_id_2 
_ndb_struct_na_base_pair_step.i_label_seq_id_2 
_ndb_struct_na_base_pair_step.i_symmetry_2 
_ndb_struct_na_base_pair_step.j_label_asym_id_2 
_ndb_struct_na_base_pair_step.j_label_comp_id_2 
_ndb_struct_na_base_pair_step.j_label_seq_id_2 
_ndb_struct_na_base_pair_step.j_symmetry_2 
_ndb_struct_na_base_pair_step.shift 
_ndb_struct_na_base_pair_step.slide 
_ndb_struct_na_base_pair_step.rise 
_ndb_struct_na_base_pair_step.tilt 
_ndb_struct_na_base_pair_step.roll 
_ndb_struct_na_base_pair_step.twist 
_ndb_struct_na_base_pair_step.x_displacement 
_ndb_struct_na_base_pair_step.y_displacement 
_ndb_struct_na_base_pair_step.helical_rise 
_ndb_struct_na_base_pair_step.inclination 
_ndb_struct_na_base_pair_step.tip 
_ndb_struct_na_base_pair_step.helical_twist 
_ndb_struct_na_base_pair_step.step_number 
_ndb_struct_na_base_pair_step.step_name 
_ndb_struct_na_base_pair_step.i_auth_asym_id_1 
_ndb_struct_na_base_pair_step.i_auth_seq_id_1 
_ndb_struct_na_base_pair_step.i_PDB_ins_code_1 
_ndb_struct_na_base_pair_step.j_auth_asym_id_1 
_ndb_struct_na_base_pair_step.j_auth_seq_id_1 
_ndb_struct_na_base_pair_step.j_PDB_ins_code_1 
_ndb_struct_na_base_pair_step.i_auth_asym_id_2 
_ndb_struct_na_base_pair_step.i_auth_seq_id_2 
_ndb_struct_na_base_pair_step.i_PDB_ins_code_2 
_ndb_struct_na_base_pair_step.j_auth_asym_id_2 
_ndb_struct_na_base_pair_step.j_auth_seq_id_2 
_ndb_struct_na_base_pair_step.j_PDB_ins_code_2 
1 A G 1 1_555 B C 8 1_555 A I 2 1_555 B C 7 1_555 -0.099 -1.843 3.108 1.066   2.307  31.715  -3.755 0.363  2.965 4.213  -1.947  
31.814  1  AA_G101I102:C115C116_BB A 101 ? B 116 ? A 102 ? B 115 ? 
1 A I 2 1_555 B C 7 1_555 A C 3 1_555 B G 6 1_555 -0.058 -1.324 3.341 2.581   8.818  32.163  -3.717 0.515  2.874 15.524 -4.543  
33.417  2  AA_I102C103:G114C115_BB A 102 ? B 115 ? A 103 ? B 114 ? 
1 A C 3 1_555 B G 6 1_555 A G 4 1_555 B A 5 1_555 0.184  -0.619 3.351 1.839   7.671  63.094  -0.930 -0.093 3.268 7.300  -1.750  
63.535  3  AA_C103G104:A113G114_BB A 103 ? B 114 ? A 104 ? B 113 ? 
1 A G 4 1_555 B A 5 1_555 A A 5 1_555 B G 4 1_555 -0.638 -1.578 3.575 -1.290  -1.894 -19.056 5.754  -2.607 3.353 5.695  -3.879  
-19.192 4  AA_G104A105:G112A113_BB A 104 ? B 113 ? A 105 ? B 112 ? 
1 A A 5 1_555 B G 4 1_555 A G 6 1_555 B C 3 1_555 0.330  -1.019 3.614 4.060   7.545  59.633  -1.420 -0.111 3.488 7.544  -4.060  
60.190  5  AA_A105G106:C111G112_BB A 105 ? B 112 ? A 106 ? B 111 ? 
1 A G 6 1_555 B C 3 1_555 A C 7 1_555 B I 2 1_555 0.457  -1.155 3.375 -5.932  15.596 33.716  -3.739 -1.450 2.508 25.073 9.536   
37.512  6  AA_G106C107:I110C111_BB A 106 ? B 111 ? A 107 ? B 110 ? 
1 A C 7 1_555 B I 2 1_555 A C 8 1_555 B G 1 1_555 -0.256 -2.029 2.757 2.825   0.449  24.310  -4.901 1.334  2.673 1.063  -6.679  
24.475  7  AA_C107C108:G109I110_BB A 107 ? B 110 ? A 108 ? B 109 ? 
1 C G 1 1_555 D C 8 1_555 C I 2 1_555 D C 7 1_555 0.005  -1.851 3.232 -6.319  -3.274 26.679  -3.065 -1.586 3.341 -6.940 13.394  
27.595  8  CC_G201I202:C215C216_DD C 201 ? D 216 ? C 202 ? D 215 ? 
1 C I 2 1_555 D C 7 1_555 C C 3 1_555 D G 6 1_555 0.046  -1.463 3.204 10.037  7.808  37.411  -3.036 1.047  2.777 11.764 -15.122 
39.440  9  CC_I202C203:G214C215_DD C 202 ? D 215 ? C 203 ? D 214 ? 
1 C C 3 1_555 D G 6 1_555 C G 4 1_555 D A 5 1_555 -1.233 -1.454 3.920 3.259   6.496  57.885  -1.891 1.465  3.683 6.682  -3.352  
58.300  10 CC_C203G204:A213G214_DD C 203 ? D 214 ? C 204 ? D 213 ? 
1 C G 4 1_555 D A 5 1_555 C A 5 1_555 D G 4 1_555 0.618  -1.098 3.443 -10.432 3.791  -20.340 1.249  -2.555 3.485 -9.845 -27.090 
-23.143 11 CC_G204A205:G212A213_DD C 204 ? D 213 ? C 205 ? D 212 ? 
1 C A 5 1_555 D G 4 1_555 C G 6 1_555 D C 3 1_555 0.276  -1.229 3.314 1.199   4.921  50.243  -1.790 -0.238 3.194 5.778  -1.407  
50.481  12 CC_A205G206:C211G212_DD C 205 ? D 212 ? C 206 ? D 211 ? 
1 C G 6 1_555 D C 3 1_555 C C 7 1_555 D I 2 1_555 0.760  -1.588 3.222 2.036   7.506  33.606  -3.777 -0.986 2.852 12.771 -3.464  
34.469  13 CC_G206C207:I210C211_DD C 206 ? D 211 ? C 207 ? D 210 ? 
1 C C 7 1_555 D I 2 1_555 C C 8 1_555 D G 1 1_555 0.781  -1.979 3.425 1.044   6.452  33.130  -4.450 -1.177 3.019 11.179 -1.809  
33.751  14 CC_C207C208:G209I210_DD C 207 ? D 210 ? C 208 ? D 209 ? 
# 
_atom_sites.entry_id                    1SAQ 
_atom_sites.fract_transf_matrix[1][1]   -0.01633984 
_atom_sites.fract_transf_matrix[1][2]   -0.00094637 
_atom_sites.fract_transf_matrix[1][3]   0.00264078 
_atom_sites.fract_transf_matrix[2][1]   -0.00715293 
_atom_sites.fract_transf_matrix[2][2]   0.00980531 
_atom_sites.fract_transf_matrix[2][3]   0.01129401 
_atom_sites.fract_transf_matrix[3][1]   -0.00226631 
_atom_sites.fract_transf_matrix[3][2]   0.01026244 
_atom_sites.fract_transf_matrix[3][3]   -0.01034505 
_atom_sites.fract_transf_vector[1]      0.647903 
_atom_sites.fract_transf_vector[2]      0.322608 
_atom_sites.fract_transf_vector[3]      0.421623 
# 
loop_
_atom_type.symbol 
C 
N 
O 
P 
# 
loop_
_atom_site.group_PDB 
_atom_site.id 
_atom_site.type_symbol 
_atom_site.label_atom_id 
_atom_site.label_alt_id 
_atom_site.label_comp_id 
_atom_site.label_asym_id 
_atom_site.label_entity_id 
_atom_site.label_seq_id 
_atom_site.pdbx_PDB_ins_code 
_atom_site.Cartn_x 
_atom_site.Cartn_y 
_atom_site.Cartn_z 
_atom_site.occupancy 
_atom_site.B_iso_or_equiv 
_atom_site.pdbx_formal_charge 
_atom_site.auth_seq_id 
_atom_site.auth_comp_id 
_atom_site.auth_asym_id 
_atom_site.auth_atom_id 
_atom_site.pdbx_PDB_model_num 
ATOM   1   O "O5'" . G   A 1 1 ? 1.573   3.122   -19.755 1.00 54.16 ? 101 G   A "O5'" 1 
ATOM   2   C "C5'" . G   A 1 1 ? 1.473   4.437   -20.308 1.00 52.97 ? 101 G   A "C5'" 1 
ATOM   3   C "C4'" . G   A 1 1 ? 1.678   4.428   -21.804 1.00 51.64 ? 101 G   A "C4'" 1 
ATOM   4   O "O4'" . G   A 1 1 ? 2.942   3.786   -22.105 1.00 49.44 ? 101 G   A "O4'" 1 
ATOM   5   C "C3'" . G   A 1 1 ? 0.681   3.609   -22.603 1.00 52.41 ? 101 G   A "C3'" 1 
ATOM   6   O "O3'" . G   A 1 1 ? -0.518  4.326   -22.847 1.00 55.60 ? 101 G   A "O3'" 1 
ATOM   7   C "C2'" . G   A 1 1 ? 1.449   3.350   -23.887 1.00 50.21 ? 101 G   A "C2'" 1 
ATOM   8   O "O2'" . G   A 1 1 ? 1.512   4.475   -24.738 1.00 50.65 ? 101 G   A "O2'" 1 
ATOM   9   C "C1'" . G   A 1 1 ? 2.838   3.082   -23.329 1.00 47.78 ? 101 G   A "C1'" 1 
ATOM   10  N N9    . G   A 1 1 ? 3.056   1.666   -23.072 1.00 44.91 ? 101 G   A N9    1 
ATOM   11  C C8    . G   A 1 1 ? 3.275   1.055   -21.863 1.00 44.39 ? 101 G   A C8    1 
ATOM   12  N N7    . G   A 1 1 ? 3.498   -0.226  -21.972 1.00 43.69 ? 101 G   A N7    1 
ATOM   13  C C5    . G   A 1 1 ? 3.407   -0.473  -23.332 1.00 43.12 ? 101 G   A C5    1 
ATOM   14  C C6    . G   A 1 1 ? 3.573   -1.671  -24.051 1.00 42.92 ? 101 G   A C6    1 
ATOM   15  O O6    . G   A 1 1 ? 3.855   -2.783  -23.620 1.00 43.87 ? 101 G   A O6    1 
ATOM   16  N N1    . G   A 1 1 ? 3.384   -1.481  -25.416 1.00 42.27 ? 101 G   A N1    1 
ATOM   17  C C2    . G   A 1 1 ? 3.076   -0.283  -26.008 1.00 42.57 ? 101 G   A C2    1 
ATOM   18  N N2    . G   A 1 1 ? 2.920   -0.298  -27.338 1.00 42.09 ? 101 G   A N2    1 
ATOM   19  N N3    . G   A 1 1 ? 2.927   0.849   -25.344 1.00 42.76 ? 101 G   A N3    1 
ATOM   20  C C4    . G   A 1 1 ? 3.111   0.680   -24.019 1.00 43.66 ? 101 G   A C4    1 
ATOM   21  P P     . I   A 1 2 ? -1.891  3.522   -23.074 1.00 56.17 ? 102 I   A P     1 
ATOM   22  O OP1   . I   A 1 2 ? -2.953  4.556   -23.100 1.00 56.54 ? 102 I   A OP1   1 
ATOM   23  O OP2   . I   A 1 2 ? -1.965  2.407   -22.098 1.00 55.48 ? 102 I   A OP2   1 
ATOM   24  O "O5'" . I   A 1 2 ? -1.758  2.898   -24.530 1.00 54.46 ? 102 I   A "O5'" 1 
ATOM   25  C "C5'" . I   A 1 2 ? -1.756  3.739   -25.673 1.00 53.70 ? 102 I   A "C5'" 1 
ATOM   26  C "C4'" . I   A 1 2 ? -1.703  2.907   -26.922 1.00 53.68 ? 102 I   A "C4'" 1 
ATOM   27  O "O4'" . I   A 1 2 ? -0.469  2.141   -26.939 1.00 51.52 ? 102 I   A "O4'" 1 
ATOM   28  C "C3'" . I   A 1 2 ? -2.787  1.852   -27.034 1.00 54.60 ? 102 I   A "C3'" 1 
ATOM   29  O "O3'" . I   A 1 2 ? -3.990  2.412   -27.540 1.00 57.99 ? 102 I   A "O3'" 1 
ATOM   30  C "C2'" . I   A 1 2 ? -2.158  0.863   -28.002 1.00 52.86 ? 102 I   A "C2'" 1 
ATOM   31  O "O2'" . I   A 1 2 ? -2.206  1.299   -29.348 1.00 53.88 ? 102 I   A "O2'" 1 
ATOM   32  C "C1'" . I   A 1 2 ? -0.709  0.871   -27.521 1.00 49.51 ? 102 I   A "C1'" 1 
ATOM   33  N N9    . I   A 1 2 ? -0.461  -0.142  -26.507 1.00 45.26 ? 102 I   A N9    1 
ATOM   34  C C8    . I   A 1 2 ? -0.504  0.025   -25.148 1.00 44.48 ? 102 I   A C8    1 
ATOM   35  N N7    . I   A 1 2 ? -0.215  -1.062  -24.490 1.00 44.02 ? 102 I   A N7    1 
ATOM   36  C C5    . I   A 1 2 ? 0.027   -2.008  -25.475 1.00 42.52 ? 102 I   A C5    1 
ATOM   37  C C6    . I   A 1 2 ? 0.383   -3.367  -25.366 1.00 41.72 ? 102 I   A C6    1 
ATOM   38  O O6    . I   A 1 2 ? 0.557   -4.036  -24.339 1.00 41.31 ? 102 I   A O6    1 
ATOM   39  N N1    . I   A 1 2 ? 0.531   -3.957  -26.617 1.00 40.46 ? 102 I   A N1    1 
ATOM   40  C C2    . I   A 1 2 ? 0.351   -3.325  -27.819 1.00 39.82 ? 102 I   A C2    1 
ATOM   41  N N3    . I   A 1 2 ? 0.015   -2.055  -27.933 1.00 41.23 ? 102 I   A N3    1 
ATOM   42  C C4    . I   A 1 2 ? -0.127  -1.459  -26.727 1.00 43.20 ? 102 I   A C4    1 
ATOM   43  P P     . C   A 1 3 ? -5.399  1.803   -27.077 1.00 60.17 ? 103 C   A P     1 
ATOM   44  O OP1   . C   A 1 3 ? -6.473  2.707   -27.568 1.00 60.36 ? 103 C   A OP1   1 
ATOM   45  O OP2   . C   A 1 3 ? -5.290  1.513   -25.625 1.00 60.94 ? 103 C   A OP2   1 
ATOM   46  O "O5'" . C   A 1 3 ? -5.488  0.425   -27.864 1.00 56.69 ? 103 C   A "O5'" 1 
ATOM   47  C "C5'" . C   A 1 3 ? -5.588  0.423   -29.278 1.00 55.05 ? 103 C   A "C5'" 1 
ATOM   48  C "C4'" . C   A 1 3 ? -5.286  -0.945  -29.822 1.00 54.51 ? 103 C   A "C4'" 1 
ATOM   49  O "O4'" . C   A 1 3 ? -3.958  -1.336  -29.386 1.00 52.79 ? 103 C   A "O4'" 1 
ATOM   50  C "C3'" . C   A 1 3 ? -6.149  -2.081  -29.304 1.00 55.26 ? 103 C   A "C3'" 1 
ATOM   51  O "O3'" . C   A 1 3 ? -7.415  -2.139  -29.941 1.00 57.00 ? 103 C   A "O3'" 1 
ATOM   52  C "C2'" . C   A 1 3 ? -5.280  -3.292  -29.617 1.00 53.56 ? 103 C   A "C2'" 1 
ATOM   53  O "O2'" . C   A 1 3 ? -5.301  -3.690  -30.979 1.00 55.05 ? 103 C   A "O2'" 1 
ATOM   54  C "C1'" . C   A 1 3 ? -3.899  -2.750  -29.251 1.00 50.12 ? 103 C   A "C1'" 1 
ATOM   55  N N1    . C   A 1 3 ? -3.528  -3.089  -27.866 1.00 45.34 ? 103 C   A N1    1 
ATOM   56  C C2    . C   A 1 3 ? -3.051  -4.374  -27.613 1.00 42.75 ? 103 C   A C2    1 
ATOM   57  O O2    . C   A 1 3 ? -2.955  -5.169  -28.560 1.00 40.67 ? 103 C   A O2    1 
ATOM   58  N N3    . C   A 1 3 ? -2.711  -4.720  -26.355 1.00 40.95 ? 103 C   A N3    1 
ATOM   59  C C4    . C   A 1 3 ? -2.832  -3.837  -25.366 1.00 40.66 ? 103 C   A C4    1 
ATOM   60  N N4    . C   A 1 3 ? -2.481  -4.229  -24.142 1.00 40.22 ? 103 C   A N4    1 
ATOM   61  C C5    . C   A 1 3 ? -3.316  -2.513  -25.591 1.00 40.97 ? 103 C   A C5    1 
ATOM   62  C C6    . C   A 1 3 ? -3.649  -2.183  -26.844 1.00 43.12 ? 103 C   A C6    1 
ATOM   63  P P     . G   A 1 4 ? -8.720  -2.454  -29.064 1.00 58.48 ? 104 G   A P     1 
ATOM   64  O OP1   . G   A 1 4 ? -9.842  -2.660  -30.020 1.00 58.21 ? 104 G   A OP1   1 
ATOM   65  O OP2   . G   A 1 4 ? -8.830  -1.414  -27.992 1.00 56.40 ? 104 G   A OP2   1 
ATOM   66  O "O5'" . G   A 1 4 ? -8.376  -3.852  -28.381 1.00 56.98 ? 104 G   A "O5'" 1 
ATOM   67  C "C5'" . G   A 1 4 ? -8.113  -5.000  -29.174 1.00 55.90 ? 104 G   A "C5'" 1 
ATOM   68  C "C4'" . G   A 1 4 ? -7.565  -6.106  -28.313 1.00 56.22 ? 104 G   A "C4'" 1 
ATOM   69  O "O4'" . G   A 1 4 ? -6.368  -5.627  -27.661 1.00 55.63 ? 104 G   A "O4'" 1 
ATOM   70  C "C3'" . G   A 1 4 ? -8.438  -6.574  -27.159 1.00 57.11 ? 104 G   A "C3'" 1 
ATOM   71  O "O3'" . G   A 1 4 ? -9.374  -7.549  -27.617 1.00 59.09 ? 104 G   A "O3'" 1 
ATOM   72  C "C2'" . G   A 1 4 ? -7.406  -7.199  -26.230 1.00 56.27 ? 104 G   A "C2'" 1 
ATOM   73  O "O2'" . G   A 1 4 ? -6.944  -8.454  -26.692 1.00 55.80 ? 104 G   A "O2'" 1 
ATOM   74  C "C1'" . G   A 1 4 ? -6.250  -6.223  -26.383 1.00 55.40 ? 104 G   A "C1'" 1 
ATOM   75  N N9    . G   A 1 4 ? -6.225  -5.159  -25.393 1.00 55.42 ? 104 G   A N9    1 
ATOM   76  C C8    . G   A 1 4 ? -6.715  -3.886  -25.538 1.00 55.94 ? 104 G   A C8    1 
ATOM   77  N N7    . G   A 1 4 ? -6.457  -3.119  -24.514 1.00 56.56 ? 104 G   A N7    1 
ATOM   78  C C5    . G   A 1 4 ? -5.777  -3.945  -23.631 1.00 56.45 ? 104 G   A C5    1 
ATOM   79  C C6    . G   A 1 4 ? -5.220  -3.664  -22.351 1.00 57.29 ? 104 G   A C6    1 
ATOM   80  O O6    . G   A 1 4 ? -5.207  -2.582  -21.725 1.00 56.97 ? 104 G   A O6    1 
ATOM   81  N N1    . G   A 1 4 ? -4.621  -4.796  -21.802 1.00 57.15 ? 104 G   A N1    1 
ATOM   82  C C2    . G   A 1 4 ? -4.558  -6.029  -22.410 1.00 57.02 ? 104 G   A C2    1 
ATOM   83  N N2    . G   A 1 4 ? -3.938  -6.994  -21.724 1.00 58.16 ? 104 G   A N2    1 
ATOM   84  N N3    . G   A 1 4 ? -5.063  -6.296  -23.602 1.00 56.03 ? 104 G   A N3    1 
ATOM   85  C C4    . G   A 1 4 ? -5.651  -5.217  -24.150 1.00 55.85 ? 104 G   A C4    1 
ATOM   86  P P     . A   A 1 5 ? -10.663 -7.916  -26.722 1.00 58.98 ? 105 A   A P     1 
ATOM   87  O OP1   . A   A 1 5 ? -11.864 -7.327  -27.379 1.00 57.99 ? 105 A   A OP1   1 
ATOM   88  O OP2   . A   A 1 5 ? -10.342 -7.552  -25.312 1.00 58.77 ? 105 A   A OP2   1 
ATOM   89  O "O5'" . A   A 1 5 ? -10.741 -9.505  -26.832 1.00 55.96 ? 105 A   A "O5'" 1 
ATOM   90  C "C5'" . A   A 1 5 ? -10.586 -10.161 -28.089 1.00 53.37 ? 105 A   A "C5'" 1 
ATOM   91  C "C4'" . A   A 1 5 ? -10.025 -11.545 -27.887 1.00 52.61 ? 105 A   A "C4'" 1 
ATOM   92  O "O4'" . A   A 1 5 ? -8.662  -11.449 -27.389 1.00 51.30 ? 105 A   A "O4'" 1 
ATOM   93  C "C3'" . A   A 1 5 ? -10.733 -12.358 -26.819 1.00 53.37 ? 105 A   A "C3'" 1 
ATOM   94  O "O3'" . A   A 1 5 ? -11.935 -12.952 -27.267 1.00 53.26 ? 105 A   A "O3'" 1 
ATOM   95  C "C2'" . A   A 1 5 ? -9.670  -13.370 -26.412 1.00 52.88 ? 105 A   A "C2'" 1 
ATOM   96  O "O2'" . A   A 1 5 ? -9.565  -14.499 -27.264 1.00 53.51 ? 105 A   A "O2'" 1 
ATOM   97  C "C1'" . A   A 1 5 ? -8.415  -12.493 -26.443 1.00 51.01 ? 105 A   A "C1'" 1 
ATOM   98  N N9    . A   A 1 5 ? -8.178  -11.881 -25.130 1.00 48.14 ? 105 A   A N9    1 
ATOM   99  C C8    . A   A 1 5 ? -8.472  -10.591 -24.750 1.00 47.17 ? 105 A   A C8    1 
ATOM   100 N N7    . A   A 1 5 ? -8.182  -10.329 -23.499 1.00 45.03 ? 105 A   A N7    1 
ATOM   101 C C5    . A   A 1 5 ? -7.655  -11.516 -23.021 1.00 43.63 ? 105 A   A C5    1 
ATOM   102 C C6    . A   A 1 5 ? -7.164  -11.878 -21.766 1.00 42.38 ? 105 A   A C6    1 
ATOM   103 N N6    . A   A 1 5 ? -7.123  -11.043 -20.723 1.00 39.92 ? 105 A   A N6    1 
ATOM   104 N N1    . A   A 1 5 ? -6.710  -13.143 -21.612 1.00 42.66 ? 105 A   A N1    1 
ATOM   105 C C2    . A   A 1 5 ? -6.756  -13.976 -22.663 1.00 43.63 ? 105 A   A C2    1 
ATOM   106 N N3    . A   A 1 5 ? -7.199  -13.749 -23.899 1.00 44.24 ? 105 A   A N3    1 
ATOM   107 C C4    . A   A 1 5 ? -7.640  -12.484 -24.014 1.00 45.31 ? 105 A   A C4    1 
ATOM   108 P P     . G   A 1 6 ? -13.211 -12.950 -26.295 1.00 53.56 ? 106 G   A P     1 
ATOM   109 O OP1   . G   A 1 6 ? -14.210 -13.878 -26.887 1.00 54.57 ? 106 G   A OP1   1 
ATOM   110 O OP2   . G   A 1 6 ? -13.585 -11.535 -26.012 1.00 52.50 ? 106 G   A OP2   1 
ATOM   111 O "O5'" . G   A 1 6 ? -12.663 -13.582 -24.940 1.00 50.83 ? 106 G   A "O5'" 1 
ATOM   112 C "C5'" . G   A 1 6 ? -12.229 -14.937 -24.895 1.00 47.81 ? 106 G   A "C5'" 1 
ATOM   113 C "C4'" . G   A 1 6 ? -11.746 -15.286 -23.505 1.00 45.60 ? 106 G   A "C4'" 1 
ATOM   114 O "O4'" . G   A 1 6 ? -10.617 -14.439 -23.179 1.00 44.28 ? 106 G   A "O4'" 1 
ATOM   115 C "C3'" . G   A 1 6 ? -12.731 -15.069 -22.364 1.00 44.51 ? 106 G   A "C3'" 1 
ATOM   116 O "O3'" . G   A 1 6 ? -13.568 -16.212 -22.197 1.00 44.87 ? 106 G   A "O3'" 1 
ATOM   117 C "C2'" . G   A 1 6 ? -11.801 -14.875 -21.176 1.00 42.84 ? 106 G   A "C2'" 1 
ATOM   118 O "O2'" . G   A 1 6 ? -11.260 -16.086 -20.699 1.00 42.98 ? 106 G   A "O2'" 1 
ATOM   119 C "C1'" . G   A 1 6 ? -10.673 -14.078 -21.818 1.00 41.59 ? 106 G   A "C1'" 1 
ATOM   120 N N9    . G   A 1 6 ? -10.904 -12.648 -21.755 1.00 39.83 ? 106 G   A N9    1 
ATOM   121 C C8    . G   A 1 6 ? -11.467 -11.848 -22.718 1.00 39.94 ? 106 G   A C8    1 
ATOM   122 N N7    . G   A 1 6 ? -11.508 -10.592 -22.374 1.00 41.15 ? 106 G   A N7    1 
ATOM   123 C C5    . G   A 1 6 ? -10.945 -10.572 -21.104 1.00 41.22 ? 106 G   A C5    1 
ATOM   124 C C6    . G   A 1 6 ? -10.712 -9.490  -20.216 1.00 41.77 ? 106 G   A C6    1 
ATOM   125 O O6    . G   A 1 6 ? -10.984 -8.290  -20.372 1.00 41.92 ? 106 G   A O6    1 
ATOM   126 N N1    . G   A 1 6 ? -10.104 -9.922  -19.037 1.00 41.84 ? 106 G   A N1    1 
ATOM   127 C C2    . G   A 1 6 ? -9.783  -11.228 -18.743 1.00 41.95 ? 106 G   A C2    1 
ATOM   128 N N2    . G   A 1 6 ? -9.197  -11.456 -17.556 1.00 41.88 ? 106 G   A N2    1 
ATOM   129 N N3    . G   A 1 6 ? -10.014 -12.239 -19.557 1.00 41.44 ? 106 G   A N3    1 
ATOM   130 C C4    . G   A 1 6 ? -10.582 -11.839 -20.712 1.00 40.41 ? 106 G   A C4    1 
ATOM   131 P P     . C   A 1 7 ? -14.999 -16.059 -21.481 1.00 45.02 ? 107 C   A P     1 
ATOM   132 O OP1   . C   A 1 7 ? -15.593 -17.420 -21.386 1.00 44.50 ? 107 C   A OP1   1 
ATOM   133 O OP2   . C   A 1 7 ? -15.761 -14.965 -22.141 1.00 43.84 ? 107 C   A OP2   1 
ATOM   134 O "O5'" . C   A 1 7 ? -14.624 -15.565 -20.020 1.00 43.46 ? 107 C   A "O5'" 1 
ATOM   135 C "C5'" . C   A 1 7 ? -14.032 -16.459 -19.089 1.00 42.84 ? 107 C   A "C5'" 1 
ATOM   136 C "C4'" . C   A 1 7 ? -13.887 -15.785 -17.753 1.00 41.98 ? 107 C   A "C4'" 1 
ATOM   137 O "O4'" . C   A 1 7 ? -12.914 -14.716 -17.857 1.00 40.28 ? 107 C   A "O4'" 1 
ATOM   138 C "C3'" . C   A 1 7 ? -15.141 -15.084 -17.266 1.00 41.87 ? 107 C   A "C3'" 1 
ATOM   139 O "O3'" . C   A 1 7 ? -16.035 -15.982 -16.624 1.00 41.88 ? 107 C   A "O3'" 1 
ATOM   140 C "C2'" . C   A 1 7 ? -14.584 -14.049 -16.302 1.00 40.73 ? 107 C   A "C2'" 1 
ATOM   141 O "O2'" . C   A 1 7 ? -14.306 -14.585 -15.024 1.00 42.66 ? 107 C   A "O2'" 1 
ATOM   142 C "C1'" . C   A 1 7 ? -13.294 -13.643 -17.017 1.00 37.91 ? 107 C   A "C1'" 1 
ATOM   143 N N1    . C   A 1 7 ? -13.479 -12.457 -17.853 1.00 34.02 ? 107 C   A N1    1 
ATOM   144 C C2    . C   A 1 7 ? -13.475 -11.205 -17.245 1.00 33.64 ? 107 C   A C2    1 
ATOM   145 O O2    . C   A 1 7 ? -13.305 -11.129 -16.019 1.00 35.31 ? 107 C   A O2    1 
ATOM   146 N N3    . C   A 1 7 ? -13.648 -10.108 -17.994 1.00 32.29 ? 107 C   A N3    1 
ATOM   147 C C4    . C   A 1 7 ? -13.806 -10.220 -19.303 1.00 32.01 ? 107 C   A C4    1 
ATOM   148 N N4    . C   A 1 7 ? -13.942 -9.097  -20.005 1.00 33.02 ? 107 C   A N4    1 
ATOM   149 C C5    . C   A 1 7 ? -13.819 -11.487 -19.954 1.00 32.39 ? 107 C   A C5    1 
ATOM   150 C C6    . C   A 1 7 ? -13.655 -12.569 -19.197 1.00 31.90 ? 107 C   A C6    1 
ATOM   151 P P     . C   A 1 8 ? -17.450 -15.439 -16.111 1.00 41.68 ? 108 C   A P     1 
ATOM   152 O OP1   . C   A 1 8 ? -18.396 -16.576 -16.037 1.00 42.16 ? 108 C   A OP1   1 
ATOM   153 O OP2   . C   A 1 8 ? -17.805 -14.237 -16.913 1.00 41.20 ? 108 C   A OP2   1 
ATOM   154 O "O5'" . C   A 1 8 ? -17.139 -14.932 -14.640 1.00 39.97 ? 108 C   A "O5'" 1 
ATOM   155 C "C5'" . C   A 1 8 ? -18.065 -14.105 -13.966 1.00 37.89 ? 108 C   A "C5'" 1 
ATOM   156 C "C4'" . C   A 1 8 ? -17.338 -13.056 -13.183 1.00 36.21 ? 108 C   A "C4'" 1 
ATOM   157 O "O4'" . C   A 1 8 ? -16.343 -12.438 -14.029 1.00 32.98 ? 108 C   A "O4'" 1 
ATOM   158 C "C3'" . C   A 1 8 ? -18.222 -11.911 -12.723 1.00 36.66 ? 108 C   A "C3'" 1 
ATOM   159 O "O3'" . C   A 1 8 ? -18.913 -12.206 -11.495 1.00 39.14 ? 108 C   A "O3'" 1 
ATOM   160 C "C2'" . C   A 1 8 ? -17.228 -10.774 -12.557 1.00 35.47 ? 108 C   A "C2'" 1 
ATOM   161 O "O2'" . C   A 1 8 ? -16.630 -10.786 -11.279 1.00 37.54 ? 108 C   A "O2'" 1 
ATOM   162 C "C1'" . C   A 1 8 ? -16.209 -11.078 -13.662 1.00 32.47 ? 108 C   A "C1'" 1 
ATOM   163 N N1    . C   A 1 8 ? -16.365 -10.244 -14.866 1.00 28.54 ? 108 C   A N1    1 
ATOM   164 C C2    . C   A 1 8 ? -16.148 -8.868  -14.756 1.00 27.45 ? 108 C   A C2    1 
ATOM   165 O O2    . C   A 1 8 ? -15.842 -8.395  -13.650 1.00 28.36 ? 108 C   A O2    1 
ATOM   166 N N3    . C   A 1 8 ? -16.276 -8.086  -15.851 1.00 25.59 ? 108 C   A N3    1 
ATOM   167 C C4    . C   A 1 8 ? -16.599 -8.629  -17.020 1.00 25.48 ? 108 C   A C4    1 
ATOM   168 N N4    . C   A 1 8 ? -16.704 -7.819  -18.072 1.00 24.54 ? 108 C   A N4    1 
ATOM   169 C C5    . C   A 1 8 ? -16.829 -10.030 -17.164 1.00 25.89 ? 108 C   A C5    1 
ATOM   170 C C6    . C   A 1 8 ? -16.706 -10.792 -16.071 1.00 27.37 ? 108 C   A C6    1 
ATOM   171 O "O5'" . G   B 1 1 ? -14.895 1.401   -18.179 1.00 51.29 ? 109 G   B "O5'" 1 
ATOM   172 C "C5'" . G   B 1 1 ? -15.137 2.389   -17.171 1.00 49.54 ? 109 G   B "C5'" 1 
ATOM   173 C "C4'" . G   B 1 1 ? -15.221 1.690   -15.847 1.00 47.86 ? 109 G   B "C4'" 1 
ATOM   174 O "O4'" . G   B 1 1 ? -16.405 0.851   -15.837 1.00 46.31 ? 109 G   B "O4'" 1 
ATOM   175 C "C3'" . G   B 1 1 ? -14.091 0.706   -15.623 1.00 47.93 ? 109 G   B "C3'" 1 
ATOM   176 O "O3'" . G   B 1 1 ? -12.935 1.330   -15.118 1.00 50.07 ? 109 G   B "O3'" 1 
ATOM   177 C "C2'" . G   B 1 1 ? -14.706 -0.254  -14.633 1.00 46.10 ? 109 G   B "C2'" 1 
ATOM   178 O "O2'" . G   B 1 1 ? -14.793 0.333   -13.353 1.00 45.38 ? 109 G   B "O2'" 1 
ATOM   179 C "C1'" . G   B 1 1 ? -16.096 -0.403  -15.240 1.00 45.19 ? 109 G   B "C1'" 1 
ATOM   180 N N9    . G   B 1 1 ? -16.132 -1.417  -16.288 1.00 43.49 ? 109 G   B N9    1 
ATOM   181 C C8    . G   B 1 1 ? -16.234 -1.202  -17.642 1.00 42.83 ? 109 G   B C8    1 
ATOM   182 N N7    . G   B 1 1 ? -16.275 -2.305  -18.338 1.00 42.49 ? 109 G   B N7    1 
ATOM   183 C C5    . G   B 1 1 ? -16.187 -3.314  -17.389 1.00 42.88 ? 109 G   B C5    1 
ATOM   184 C C6    . G   B 1 1 ? -16.188 -4.727  -17.550 1.00 43.06 ? 109 G   B C6    1 
ATOM   185 O O6    . G   B 1 1 ? -16.271 -5.382  -18.602 1.00 43.08 ? 109 G   B O6    1 
ATOM   186 N N1    . G   B 1 1 ? -16.081 -5.381  -16.321 1.00 41.60 ? 109 G   B N1    1 
ATOM   187 C C2    . G   B 1 1 ? -15.985 -4.753  -15.097 1.00 41.62 ? 109 G   B C2    1 
ATOM   188 N N2    . G   B 1 1 ? -15.895 -5.552  -14.025 1.00 40.30 ? 109 G   B N2    1 
ATOM   189 N N3    . G   B 1 1 ? -15.981 -3.434  -14.936 1.00 41.89 ? 109 G   B N3    1 
ATOM   190 C C4    . G   B 1 1 ? -16.087 -2.782  -16.116 1.00 43.07 ? 109 G   B C4    1 
ATOM   191 P P     . I   B 1 2 ? -11.500 0.728   -15.500 1.00 51.71 ? 110 I   B P     1 
ATOM   192 O OP1   . I   B 1 2 ? -10.492 1.662   -14.923 1.00 51.36 ? 110 I   B OP1   1 
ATOM   193 O OP2   . I   B 1 2 ? -11.486 0.430   -16.963 1.00 52.13 ? 110 I   B OP2   1 
ATOM   194 O "O5'" . I   B 1 2 ? -11.442 -0.647  -14.701 1.00 48.28 ? 110 I   B "O5'" 1 
ATOM   195 C "C5'" . I   B 1 2 ? -11.512 -0.638  -13.284 1.00 45.25 ? 110 I   B "C5'" 1 
ATOM   196 C "C4'" . I   B 1 2 ? -11.482 -2.042  -12.737 1.00 42.71 ? 110 I   B "C4'" 1 
ATOM   197 O "O4'" . I   B 1 2 ? -12.655 -2.776  -13.178 1.00 40.89 ? 110 I   B "O4'" 1 
ATOM   198 C "C3'" . I   B 1 2 ? -10.335 -2.924  -13.181 1.00 41.72 ? 110 I   B "C3'" 1 
ATOM   199 O "O3'" . I   B 1 2 ? -9.167  -2.635  -12.430 1.00 42.34 ? 110 I   B "O3'" 1 
ATOM   200 C "C2'" . I   B 1 2 ? -10.889 -4.295  -12.841 1.00 39.38 ? 110 I   B "C2'" 1 
ATOM   201 O "O2'" . I   B 1 2 ? -10.938 -4.470  -11.442 1.00 41.28 ? 110 I   B "O2'" 1 
ATOM   202 C "C1'" . I   B 1 2 ? -12.326 -4.146  -13.320 1.00 36.54 ? 110 I   B "C1'" 1 
ATOM   203 N N9    . I   B 1 2 ? -12.519 -4.518  -14.713 1.00 32.06 ? 110 I   B N9    1 
ATOM   204 C C8    . I   B 1 2 ? -12.600 -3.673  -15.791 1.00 31.33 ? 110 I   B C8    1 
ATOM   205 N N7    . I   B 1 2 ? -12.835 -4.299  -16.910 1.00 30.59 ? 110 I   B N7    1 
ATOM   206 C C5    . I   B 1 2 ? -12.898 -5.635  -16.552 1.00 27.46 ? 110 I   B C5    1 
ATOM   207 C C6    . I   B 1 2 ? -13.134 -6.771  -17.336 1.00 25.02 ? 110 I   B C6    1 
ATOM   208 O O6    . I   B 1 2 ? -13.338 -6.838  -18.539 1.00 22.94 ? 110 I   B O6    1 
ATOM   209 N N1    . I   B 1 2 ? -13.114 -7.926  -16.577 1.00 26.21 ? 110 I   B N1    1 
ATOM   210 C C2    . I   B 1 2 ? -12.886 -7.985  -15.225 1.00 27.69 ? 110 I   B C2    1 
ATOM   211 N N3    . I   B 1 2 ? -12.661 -6.924  -14.475 1.00 29.18 ? 110 I   B N3    1 
ATOM   212 C C4    . I   B 1 2 ? -12.686 -5.787  -15.201 1.00 29.69 ? 110 I   B C4    1 
ATOM   213 P P     . C   B 1 3 ? -7.736  -2.641  -13.158 1.00 43.25 ? 111 C   B P     1 
ATOM   214 O OP1   . C   B 1 3 ? -6.843  -1.843  -12.283 1.00 44.22 ? 111 C   B OP1   1 
ATOM   215 O OP2   . C   B 1 3 ? -7.893  -2.258  -14.590 1.00 42.31 ? 111 C   B OP2   1 
ATOM   216 O "O5'" . C   B 1 3 ? -7.304  -4.171  -13.127 1.00 39.92 ? 111 C   B "O5'" 1 
ATOM   217 C "C5'" . C   B 1 3 ? -7.036  -4.827  -11.898 1.00 37.02 ? 111 C   B "C5'" 1 
ATOM   218 C "C4'" . C   B 1 3 ? -6.945  -6.314  -12.120 1.00 35.88 ? 111 C   B "C4'" 1 
ATOM   219 O "O4'" . C   B 1 3 ? -8.234  -6.794  -12.572 1.00 33.92 ? 111 C   B "O4'" 1 
ATOM   220 C "C3'" . C   B 1 3 ? -5.998  -6.774  -13.215 1.00 36.40 ? 111 C   B "C3'" 1 
ATOM   221 O "O3'" . C   B 1 3 ? -4.673  -6.919  -12.736 1.00 40.37 ? 111 C   B "O3'" 1 
ATOM   222 C "C2'" . C   B 1 3 ? -6.567  -8.138  -13.556 1.00 33.93 ? 111 C   B "C2'" 1 
ATOM   223 O "O2'" . C   B 1 3 ? -6.256  -9.088  -12.560 1.00 35.27 ? 111 C   B "O2'" 1 
ATOM   224 C "C1'" . C   B 1 3 ? -8.059  -7.856  -13.490 1.00 30.12 ? 111 C   B "C1'" 1 
ATOM   225 N N1    . C   B 1 3 ? -8.629  -7.465  -14.786 1.00 24.85 ? 111 C   B N1    1 
ATOM   226 C C2    . C   B 1 3 ? -9.042  -8.468  -15.659 1.00 23.88 ? 111 C   B C2    1 
ATOM   227 O O2    . C   B 1 3 ? -8.912  -9.651  -15.315 1.00 24.91 ? 111 C   B O2    1 
ATOM   228 N N3    . C   B 1 3 ? -9.583  -8.132  -16.848 1.00 21.26 ? 111 C   B N3    1 
ATOM   229 C C4    . C   B 1 3 ? -9.739  -6.854  -17.170 1.00 21.53 ? 111 C   B C4    1 
ATOM   230 N N4    . C   B 1 3 ? -10.315 -6.572  -18.335 1.00 21.03 ? 111 C   B N4    1 
ATOM   231 C C5    . C   B 1 3 ? -9.318  -5.805  -16.304 1.00 22.74 ? 111 C   B C5    1 
ATOM   232 C C6    . C   B 1 3 ? -8.766  -6.152  -15.134 1.00 23.20 ? 111 C   B C6    1 
ATOM   233 P P     . G   B 1 4 ? -3.450  -6.851  -13.767 1.00 43.95 ? 112 G   B P     1 
ATOM   234 O OP1   . G   B 1 4 ? -2.251  -7.340  -13.046 1.00 45.13 ? 112 G   B OP1   1 
ATOM   235 O OP2   . G   B 1 4 ? -3.453  -5.487  -14.357 1.00 44.09 ? 112 G   B OP2   1 
ATOM   236 O "O5'" . G   B 1 4 ? -3.826  -7.869  -14.937 1.00 44.26 ? 112 G   B "O5'" 1 
ATOM   237 C "C5'" . G   B 1 4 ? -3.737  -9.278  -14.761 1.00 46.74 ? 112 G   B "C5'" 1 
ATOM   238 C "C4'" . G   B 1 4 ? -4.282  -9.974  -15.981 1.00 49.68 ? 112 G   B "C4'" 1 
ATOM   239 O "O4'" . G   B 1 4 ? -5.614  -9.459  -16.229 1.00 51.10 ? 112 G   B "O4'" 1 
ATOM   240 C "C3'" . G   B 1 4 ? -3.532  -9.695  -17.276 1.00 52.48 ? 112 G   B "C3'" 1 
ATOM   241 O "O3'" . G   B 1 4 ? -2.470  -10.634 -17.441 1.00 54.88 ? 112 G   B "O3'" 1 
ATOM   242 C "C2'" . G   B 1 4 ? -4.610  -9.912  -18.334 1.00 53.22 ? 112 G   B "C2'" 1 
ATOM   243 O "O2'" . G   B 1 4 ? -4.835  -11.268 -18.654 1.00 54.61 ? 112 G   B "O2'" 1 
ATOM   244 C "C1'" . G   B 1 4 ? -5.851  -9.378  -17.625 1.00 53.03 ? 112 G   B "C1'" 1 
ATOM   245 N N9    . G   B 1 4 ? -6.166  -7.994  -17.976 1.00 53.57 ? 112 G   B N9    1 
ATOM   246 C C8    . G   B 1 4 ? -5.921  -6.875  -17.221 1.00 53.88 ? 112 G   B C8    1 
ATOM   247 N N7    . G   B 1 4 ? -6.332  -5.774  -17.790 1.00 54.06 ? 112 G   B N7    1 
ATOM   248 C C5    . G   B 1 4 ? -6.875  -6.188  -18.995 1.00 53.74 ? 112 G   B C5    1 
ATOM   249 C C6    . G   B 1 4 ? -7.474  -5.434  -20.034 1.00 54.42 ? 112 G   B C6    1 
ATOM   250 O O6    . G   B 1 4 ? -7.659  -4.215  -20.088 1.00 55.32 ? 112 G   B O6    1 
ATOM   251 N N1    . G   B 1 4 ? -7.882  -6.245  -21.085 1.00 54.05 ? 112 G   B N1    1 
ATOM   252 C C2    . G   B 1 4 ? -7.738  -7.605  -21.129 1.00 53.76 ? 112 G   B C2    1 
ATOM   253 N N2    . G   B 1 4 ? -8.194  -8.196  -22.228 1.00 53.47 ? 112 G   B N2    1 
ATOM   254 N N3    . G   B 1 4 ? -7.186  -8.325  -20.165 1.00 53.28 ? 112 G   B N3    1 
ATOM   255 C C4    . G   B 1 4 ? -6.778  -7.555  -19.134 1.00 53.56 ? 112 G   B C4    1 
ATOM   256 P P     . A   B 1 5 ? -1.129  -10.220 -18.236 1.00 55.21 ? 113 A   B P     1 
ATOM   257 O OP1   . A   B 1 5 ? -0.028  -10.289 -17.243 1.00 54.80 ? 113 A   B OP1   1 
ATOM   258 O OP2   . A   B 1 5 ? -1.357  -8.958  -18.999 1.00 55.01 ? 113 A   B OP2   1 
ATOM   259 O "O5'" . A   B 1 5 ? -0.927  -11.414 -19.267 1.00 53.40 ? 113 A   B "O5'" 1 
ATOM   260 C "C5'" . A   B 1 5 ? -0.856  -12.754 -18.805 1.00 53.03 ? 113 A   B "C5'" 1 
ATOM   261 C "C4'" . A   B 1 5 ? -1.399  -13.688 -19.849 1.00 53.66 ? 113 A   B "C4'" 1 
ATOM   262 O "O4'" . A   B 1 5 ? -2.770  -13.318 -20.141 1.00 53.24 ? 113 A   B "O4'" 1 
ATOM   263 C "C3'" . A   B 1 5 ? -0.725  -13.603 -21.205 1.00 54.71 ? 113 A   B "C3'" 1 
ATOM   264 O "O3'" . A   B 1 5 ? 0.483   -14.350 -21.242 1.00 55.43 ? 113 A   B "O3'" 1 
ATOM   265 C "C2'" . A   B 1 5 ? -1.793  -14.169 -22.131 1.00 54.31 ? 113 A   B "C2'" 1 
ATOM   266 O "O2'" . A   B 1 5 ? -1.868  -15.581 -22.137 1.00 55.85 ? 113 A   B "O2'" 1 
ATOM   267 C "C1'" . A   B 1 5 ? -3.058  -13.589 -21.504 1.00 52.80 ? 113 A   B "C1'" 1 
ATOM   268 N N9    . A   B 1 5 ? -3.447  -12.344 -22.151 1.00 50.92 ? 113 A   B N9    1 
ATOM   269 C C8    . A   B 1 5 ? -3.389  -11.067 -21.658 1.00 51.01 ? 113 A   B C8    1 
ATOM   270 N N7    . A   B 1 5 ? -3.800  -10.155 -22.506 1.00 51.05 ? 113 A   B N7    1 
ATOM   271 C C5    . A   B 1 5 ? -4.152  -10.884 -23.631 1.00 50.98 ? 113 A   B C5    1 
ATOM   272 C C6    . A   B 1 5 ? -4.651  -10.502 -24.883 1.00 50.93 ? 113 A   B C6    1 
ATOM   273 N N6    . A   B 1 5 ? -4.885  -9.235  -25.229 1.00 51.19 ? 113 A   B N6    1 
ATOM   274 N N1    . A   B 1 5 ? -4.899  -11.478 -25.782 1.00 50.71 ? 113 A   B N1    1 
ATOM   275 C C2    . A   B 1 5 ? -4.649  -12.749 -25.434 1.00 51.29 ? 113 A   B C2    1 
ATOM   276 N N3    . A   B 1 5 ? -4.174  -13.232 -24.288 1.00 50.23 ? 113 A   B N3    1 
ATOM   277 C C4    . A   B 1 5 ? -3.944  -12.236 -23.421 1.00 50.74 ? 113 A   B C4    1 
ATOM   278 P P     . G   B 1 6 ? 1.774   -13.717 -21.954 1.00 56.14 ? 114 G   B P     1 
ATOM   279 O OP1   . G   B 1 6 ? 2.853   -14.741 -21.956 1.00 55.36 ? 114 G   B OP1   1 
ATOM   280 O OP2   . G   B 1 6 ? 2.010   -12.398 -21.303 1.00 55.91 ? 114 G   B OP2   1 
ATOM   281 O "O5'" . G   B 1 6 ? 1.284   -13.448 -23.453 1.00 55.88 ? 114 G   B "O5'" 1 
ATOM   282 C "C5'" . G   B 1 6 ? 0.937   -14.532 -24.325 1.00 55.09 ? 114 G   B "C5'" 1 
ATOM   283 C "C4'" . G   B 1 6 ? 0.262   -14.022 -25.588 1.00 54.75 ? 114 G   B "C4'" 1 
ATOM   284 O "O4'" . G   B 1 6 ? -0.957  -13.316 -25.227 1.00 53.22 ? 114 G   B "O4'" 1 
ATOM   285 C "C3'" . G   B 1 6 ? 1.031   -13.021 -26.446 1.00 55.64 ? 114 G   B "C3'" 1 
ATOM   286 O "O3'" . G   B 1 6 ? 1.945   -13.657 -27.343 1.00 57.92 ? 114 G   B "O3'" 1 
ATOM   287 C "C2'" . G   B 1 6 ? -0.095  -12.325 -27.200 1.00 53.85 ? 114 G   B "C2'" 1 
ATOM   288 O "O2'" . G   B 1 6 ? -0.608  -13.094 -28.274 1.00 53.52 ? 114 G   B "O2'" 1 
ATOM   289 C "C1'" . G   B 1 6 ? -1.149  -12.213 -26.101 1.00 51.61 ? 114 G   B "C1'" 1 
ATOM   290 N N9    . G   B 1 6 ? -1.018  -10.990 -25.318 1.00 48.71 ? 114 G   B N9    1 
ATOM   291 C C8    . G   B 1 6 ? -0.466  -10.865 -24.063 1.00 48.06 ? 114 G   B C8    1 
ATOM   292 N N7    . G   B 1 6 ? -0.536  -9.650  -23.591 1.00 47.51 ? 114 G   B N7    1 
ATOM   293 C C5    . G   B 1 6 ? -1.160  -8.925  -24.599 1.00 46.42 ? 114 G   B C5    1 
ATOM   294 C C6    . G   B 1 6 ? -1.525  -7.545  -24.657 1.00 45.71 ? 114 G   B C6    1 
ATOM   295 O O6    . G   B 1 6 ? -1.377  -6.662  -23.792 1.00 44.52 ? 114 G   B O6    1 
ATOM   296 N N1    . G   B 1 6 ? -2.125  -7.232  -25.871 1.00 44.59 ? 114 G   B N1    1 
ATOM   297 C C2    . G   B 1 6 ? -2.355  -8.123  -26.891 1.00 44.74 ? 114 G   B C2    1 
ATOM   298 N N2    . G   B 1 6 ? -2.944  -7.623  -27.981 1.00 43.87 ? 114 G   B N2    1 
ATOM   299 N N3    . G   B 1 6 ? -2.033  -9.407  -26.846 1.00 45.20 ? 114 G   B N3    1 
ATOM   300 C C4    . G   B 1 6 ? -1.445  -9.736  -25.679 1.00 46.83 ? 114 G   B C4    1 
ATOM   301 P P     . C   B 1 7 ? 3.284   -12.886 -27.808 1.00 58.22 ? 115 C   B P     1 
ATOM   302 O OP1   . C   B 1 7 ? 4.050   -13.837 -28.656 1.00 58.04 ? 115 C   B OP1   1 
ATOM   303 O OP2   . C   B 1 7 ? 3.929   -12.288 -26.610 1.00 57.89 ? 115 C   B OP2   1 
ATOM   304 O "O5'" . C   B 1 7 ? 2.759   -11.690 -28.719 1.00 55.77 ? 115 C   B "O5'" 1 
ATOM   305 C "C5'" . C   B 1 7 ? 2.234   -11.939 -30.014 1.00 54.92 ? 115 C   B "C5'" 1 
ATOM   306 C "C4'" . C   B 1 7 ? 1.790   -10.644 -30.648 1.00 55.43 ? 115 C   B "C4'" 1 
ATOM   307 O "O4'" . C   B 1 7 ? 0.779   -10.032 -29.809 1.00 54.63 ? 115 C   B "O4'" 1 
ATOM   308 C "C3'" . C   B 1 7 ? 2.850   -9.559  -30.766 1.00 55.71 ? 115 C   B "C3'" 1 
ATOM   309 O "O3'" . C   B 1 7 ? 3.643   -9.734  -31.926 1.00 57.43 ? 115 C   B "O3'" 1 
ATOM   310 C "C2'" . C   B 1 7 ? 2.012   -8.292  -30.861 1.00 53.94 ? 115 C   B "C2'" 1 
ATOM   311 O "O2'" . C   B 1 7 ? 1.480   -8.056  -32.150 1.00 54.05 ? 115 C   B "O2'" 1 
ATOM   312 C "C1'" . C   B 1 7 ? 0.881   -8.618  -29.889 1.00 51.98 ? 115 C   B "C1'" 1 
ATOM   313 N N1    . C   B 1 7 ? 1.136   -8.091  -28.546 1.00 47.59 ? 115 C   B N1    1 
ATOM   314 C C2    . C   B 1 7 ? 0.906   -6.742  -28.304 1.00 45.64 ? 115 C   B C2    1 
ATOM   315 O O2    . C   B 1 7 ? 0.503   -6.017  -29.229 1.00 45.00 ? 115 C   B O2    1 
ATOM   316 N N3    . C   B 1 7 ? 1.124   -6.254  -27.082 1.00 44.55 ? 115 C   B N3    1 
ATOM   317 C C4    . C   B 1 7 ? 1.557   -7.052  -26.116 1.00 45.30 ? 115 C   B C4    1 
ATOM   318 N N4    . C   B 1 7 ? 1.751   -6.512  -24.918 1.00 47.29 ? 115 C   B N4    1 
ATOM   319 C C5    . C   B 1 7 ? 1.808   -8.432  -26.331 1.00 45.26 ? 115 C   B C5    1 
ATOM   320 C C6    . C   B 1 7 ? 1.589   -8.907  -27.548 1.00 45.85 ? 115 C   B C6    1 
ATOM   321 P P     . C   B 1 8 ? 5.115   -9.101  -31.973 1.00 57.73 ? 116 C   B P     1 
ATOM   322 O OP1   . C   B 1 8 ? 5.681   -9.481  -33.299 1.00 57.67 ? 116 C   B OP1   1 
ATOM   323 O OP2   . C   B 1 8 ? 5.826   -9.490  -30.724 1.00 57.75 ? 116 C   B OP2   1 
ATOM   324 O "O5'" . C   B 1 8 ? 4.861   -7.530  -31.932 1.00 53.38 ? 116 C   B "O5'" 1 
ATOM   325 C "C5'" . C   B 1 8 ? 4.339   -6.872  -33.070 1.00 50.54 ? 116 C   B "C5'" 1 
ATOM   326 C "C4'" . C   B 1 8 ? 4.130   -5.419  -32.779 1.00 48.47 ? 116 C   B "C4'" 1 
ATOM   327 O "O4'" . C   B 1 8 ? 3.275   -5.304  -31.619 1.00 47.34 ? 116 C   B "O4'" 1 
ATOM   328 C "C3'" . C   B 1 8 ? 5.353   -4.628  -32.358 1.00 48.45 ? 116 C   B "C3'" 1 
ATOM   329 O "O3'" . C   B 1 8 ? 6.249   -4.309  -33.426 1.00 49.68 ? 116 C   B "O3'" 1 
ATOM   330 C "C2'" . C   B 1 8 ? 4.714   -3.415  -31.698 1.00 47.73 ? 116 C   B "C2'" 1 
ATOM   331 O "O2'" . C   B 1 8 ? 4.211   -2.472  -32.628 1.00 49.77 ? 116 C   B "O2'" 1 
ATOM   332 C "C1'" . C   B 1 8 ? 3.526   -4.060  -30.982 1.00 44.68 ? 116 C   B "C1'" 1 
ATOM   333 N N1    . C   B 1 8 ? 3.736   -4.274  -29.538 1.00 38.80 ? 116 C   B N1    1 
ATOM   334 C C2    . C   B 1 8 ? 3.594   -3.177  -28.674 1.00 35.75 ? 116 C   B C2    1 
ATOM   335 O O2    . C   B 1 8 ? 3.310   -2.069  -29.149 1.00 33.70 ? 116 C   B O2    1 
ATOM   336 N N3    . C   B 1 8 ? 3.771   -3.351  -27.352 1.00 34.04 ? 116 C   B N3    1 
ATOM   337 C C4    . C   B 1 8 ? 4.087   -4.555  -26.879 1.00 34.98 ? 116 C   B C4    1 
ATOM   338 N N4    . C   B 1 8 ? 4.267   -4.677  -25.567 1.00 34.71 ? 116 C   B N4    1 
ATOM   339 C C5    . C   B 1 8 ? 4.237   -5.690  -27.731 1.00 35.68 ? 116 C   B C5    1 
ATOM   340 C C6    . C   B 1 8 ? 4.057   -5.506  -29.042 1.00 37.17 ? 116 C   B C6    1 
ATOM   341 O "O5'" . G   C 1 1 ? -2.446  -7.883  45.548  1.00 48.92 ? 201 G   C "O5'" 1 
ATOM   342 C "C5'" . G   C 1 1 ? -1.993  -8.957  46.370  1.00 50.14 ? 201 G   C "C5'" 1 
ATOM   343 C "C4'" . G   C 1 1 ? -0.890  -9.726  45.686  1.00 51.19 ? 201 G   C "C4'" 1 
ATOM   344 O "O4'" . G   C 1 1 ? -1.378  -10.250 44.424  1.00 50.38 ? 201 G   C "O4'" 1 
ATOM   345 C "C3'" . G   C 1 1 ? 0.318   -8.892  45.301  1.00 52.80 ? 201 G   C "C3'" 1 
ATOM   346 O "O3'" . G   C 1 1 ? 1.221   -8.801  46.382  1.00 56.68 ? 201 G   C "O3'" 1 
ATOM   347 C "C2'" . G   C 1 1 ? 0.902   -9.670  44.133  1.00 50.99 ? 201 G   C "C2'" 1 
ATOM   348 O "O2'" . G   C 1 1 ? 1.652   -10.799 44.537  1.00 50.47 ? 201 G   C "O2'" 1 
ATOM   349 C "C1'" . G   C 1 1 ? -0.373  -10.123 43.427  1.00 49.09 ? 201 G   C "C1'" 1 
ATOM   350 N N9    . G   C 1 1 ? -0.849  -9.176  42.421  1.00 46.85 ? 201 G   C N9    1 
ATOM   351 C C8    . G   C 1 1 ? -1.931  -8.332  42.523  1.00 46.35 ? 201 G   C C8    1 
ATOM   352 N N7    . G   C 1 1 ? -2.133  -7.624  41.447  1.00 45.07 ? 201 G   C N7    1 
ATOM   353 C C5    . G   C 1 1 ? -1.123  -8.018  40.584  1.00 44.39 ? 201 G   C C5    1 
ATOM   354 C C6    . G   C 1 1 ? -0.842  -7.601  39.272  1.00 43.99 ? 201 G   C C6    1 
ATOM   355 O O6    . G   C 1 1 ? -1.460  -6.793  38.583  1.00 44.08 ? 201 G   C O6    1 
ATOM   356 N N1    . G   C 1 1 ? 0.288   -8.236  38.758  1.00 44.14 ? 201 G   C N1    1 
ATOM   357 C C2    . G   C 1 1 ? 1.044   -9.169  39.430  1.00 44.72 ? 201 G   C C2    1 
ATOM   358 N N2    . G   C 1 1 ? 2.111   -9.669  38.769  1.00 42.64 ? 201 G   C N2    1 
ATOM   359 N N3    . G   C 1 1 ? 0.776   -9.581  40.661  1.00 45.00 ? 201 G   C N3    1 
ATOM   360 C C4    . G   C 1 1 ? -0.313  -8.966  41.173  1.00 45.39 ? 201 G   C C4    1 
ATOM   361 P P     . I   C 1 2 ? 2.067   -7.462  46.583  1.00 60.23 ? 202 I   C P     1 
ATOM   362 O OP1   . I   C 1 2 ? 2.715   -7.602  47.909  1.00 61.00 ? 202 I   C OP1   1 
ATOM   363 O OP2   . I   C 1 2 ? 1.203   -6.288  46.295  1.00 59.89 ? 202 I   C OP2   1 
ATOM   364 O "O5'" . I   C 1 2 ? 3.193   -7.550  45.473  1.00 60.46 ? 202 I   C "O5'" 1 
ATOM   365 C "C5'" . I   C 1 2 ? 4.060   -8.657  45.458  1.00 63.86 ? 202 I   C "C5'" 1 
ATOM   366 C "C4'" . I   C 1 2 ? 4.749   -8.733  44.143  1.00 66.40 ? 202 I   C "C4'" 1 
ATOM   367 O "O4'" . I   C 1 2 ? 3.749   -8.819  43.097  1.00 66.71 ? 202 I   C "O4'" 1 
ATOM   368 C "C3'" . I   C 1 2 ? 5.500   -7.481  43.755  1.00 68.50 ? 202 I   C "C3'" 1 
ATOM   369 O "O3'" . I   C 1 2 ? 6.731   -7.374  44.445  1.00 70.49 ? 202 I   C "O3'" 1 
ATOM   370 C "C2'" . I   C 1 2 ? 5.652   -7.688  42.256  1.00 68.53 ? 202 I   C "C2'" 1 
ATOM   371 O "O2'" . I   C 1 2 ? 6.635   -8.654  41.922  1.00 69.57 ? 202 I   C "O2'" 1 
ATOM   372 C "C1'" . I   C 1 2 ? 4.265   -8.232  41.909  1.00 66.75 ? 202 I   C "C1'" 1 
ATOM   373 N N9    . I   C 1 2 ? 3.356   -7.181  41.464  1.00 64.71 ? 202 I   C N9    1 
ATOM   374 C C8    . I   C 1 2 ? 2.316   -6.616  42.163  1.00 64.35 ? 202 I   C C8    1 
ATOM   375 N N7    . I   C 1 2 ? 1.686   -5.695  41.485  1.00 63.79 ? 202 I   C N7    1 
ATOM   376 C C5    . I   C 1 2 ? 2.351   -5.650  40.270  1.00 63.84 ? 202 I   C C5    1 
ATOM   377 C C6    . I   C 1 2 ? 2.119   -4.848  39.129  1.00 64.15 ? 202 I   C C6    1 
ATOM   378 O O6    . I   C 1 2 ? 1.244   -3.989  38.954  1.00 64.17 ? 202 I   C O6    1 
ATOM   379 N N1    . I   C 1 2 ? 3.032   -5.125  38.117  1.00 63.99 ? 202 I   C N1    1 
ATOM   380 C C2    . I   C 1 2 ? 4.038   -6.058  38.191  1.00 63.81 ? 202 I   C C2    1 
ATOM   381 N N3    . I   C 1 2 ? 4.261   -6.818  39.248  1.00 63.13 ? 202 I   C N3    1 
ATOM   382 C C4    . I   C 1 2 ? 3.386   -6.560  40.244  1.00 63.90 ? 202 I   C C4    1 
ATOM   383 P P     . C   C 1 3 ? 7.214   -5.937  44.962  1.00 71.04 ? 203 C   C P     1 
ATOM   384 O OP1   . C   C 1 3 ? 8.346   -6.175  45.885  1.00 72.03 ? 203 C   C OP1   1 
ATOM   385 O OP2   . C   C 1 3 ? 6.014   -5.205  45.446  1.00 70.41 ? 203 C   C OP2   1 
ATOM   386 O "O5'" . C   C 1 3 ? 7.776   -5.242  43.643  1.00 71.06 ? 203 C   C "O5'" 1 
ATOM   387 C "C5'" . C   C 1 3 ? 8.897   -5.805  42.960  1.00 71.96 ? 203 C   C "C5'" 1 
ATOM   388 C "C4'" . C   C 1 3 ? 9.068   -5.184  41.591  1.00 72.73 ? 203 C   C "C4'" 1 
ATOM   389 O "O4'" . C   C 1 3 ? 7.872   -5.406  40.804  1.00 72.47 ? 203 C   C "O4'" 1 
ATOM   390 C "C3'" . C   C 1 3 ? 9.252   -3.681  41.509  1.00 73.67 ? 203 C   C "C3'" 1 
ATOM   391 O "O3'" . C   C 1 3 ? 10.594  -3.312  41.786  1.00 76.27 ? 203 C   C "O3'" 1 
ATOM   392 C "C2'" . C   C 1 3 ? 8.906   -3.425  40.052  1.00 72.40 ? 203 C   C "C2'" 1 
ATOM   393 O "O2'" . C   C 1 3 ? 9.945   -3.848  39.189  1.00 71.98 ? 203 C   C "O2'" 1 
ATOM   394 C "C1'" . C   C 1 3 ? 7.709   -4.352  39.871  1.00 71.13 ? 203 C   C "C1'" 1 
ATOM   395 N N1    . C   C 1 3 ? 6.405   -3.706  40.114  1.00 69.90 ? 203 C   C N1    1 
ATOM   396 C C2    . C   C 1 3 ? 5.737   -3.113  39.040  1.00 69.73 ? 203 C   C C2    1 
ATOM   397 O O2    . C   C 1 3 ? 6.271   -3.124  37.919  1.00 69.78 ? 203 C   C O2    1 
ATOM   398 N N3    . C   C 1 3 ? 4.530   -2.538  39.248  1.00 69.40 ? 203 C   C N3    1 
ATOM   399 C C4    . C   C 1 3 ? 3.993   -2.535  40.467  1.00 69.37 ? 203 C   C C4    1 
ATOM   400 N N4    . C   C 1 3 ? 2.797   -1.961  40.625  1.00 69.63 ? 203 C   C N4    1 
ATOM   401 C C5    . C   C 1 3 ? 4.655   -3.121  41.580  1.00 69.38 ? 203 C   C C5    1 
ATOM   402 C C6    . C   C 1 3 ? 5.848   -3.689  41.362  1.00 69.32 ? 203 C   C C6    1 
ATOM   403 P P     . G   C 1 4 ? 10.899  -1.910  42.508  1.00 77.62 ? 204 G   C P     1 
ATOM   404 O OP1   . G   C 1 4 ? 12.375  -1.783  42.548  1.00 78.17 ? 204 G   C OP1   1 
ATOM   405 O OP2   . G   C 1 4 ? 10.115  -1.828  43.773  1.00 76.79 ? 204 G   C OP2   1 
ATOM   406 O "O5'" . G   C 1 4 ? 10.334  -0.830  41.484  1.00 78.79 ? 204 G   C "O5'" 1 
ATOM   407 C "C5'" . G   C 1 4 ? 10.813  -0.793  40.145  1.00 81.35 ? 204 G   C "C5'" 1 
ATOM   408 C "C4'" . G   C 1 4 ? 9.877   0.003   39.271  1.00 82.99 ? 204 G   C "C4'" 1 
ATOM   409 O "O4'" . G   C 1 4 ? 8.546   -0.565  39.346  1.00 84.48 ? 204 G   C "O4'" 1 
ATOM   410 C "C3'" . G   C 1 4 ? 9.664   1.447   39.678  1.00 83.51 ? 204 G   C "C3'" 1 
ATOM   411 O "O3'" . G   C 1 4 ? 10.726  2.234   39.173  1.00 82.21 ? 204 G   C "O3'" 1 
ATOM   412 C "C2'" . G   C 1 4 ? 8.334   1.778   39.004  1.00 84.27 ? 204 G   C "C2'" 1 
ATOM   413 O "O2'" . G   C 1 4 ? 8.447   2.052   37.618  1.00 85.20 ? 204 G   C "O2'" 1 
ATOM   414 C "C1'" . G   C 1 4 ? 7.583   0.459   39.168  1.00 84.10 ? 204 G   C "C1'" 1 
ATOM   415 N N9    . G   C 1 4 ? 6.649   0.420   40.287  1.00 83.37 ? 204 G   C N9    1 
ATOM   416 C C8    . G   C 1 4 ? 6.860   -0.098  41.540  1.00 82.99 ? 204 G   C C8    1 
ATOM   417 N N7    . G   C 1 4 ? 5.799   -0.058  42.294  1.00 82.79 ? 204 G   C N7    1 
ATOM   418 C C5    . G   C 1 4 ? 4.838   0.537   41.492  1.00 83.26 ? 204 G   C C5    1 
ATOM   419 C C6    . G   C 1 4 ? 3.485   0.822   41.753  1.00 83.92 ? 204 G   C C6    1 
ATOM   420 O O6    . G   C 1 4 ? 2.834   0.579   42.772  1.00 85.30 ? 204 G   C O6    1 
ATOM   421 N N1    . G   C 1 4 ? 2.874   1.444   40.669  1.00 83.84 ? 204 G   C N1    1 
ATOM   422 C C2    . G   C 1 4 ? 3.488   1.740   39.480  1.00 83.61 ? 204 G   C C2    1 
ATOM   423 N N2    . G   C 1 4 ? 2.731   2.342   38.558  1.00 83.45 ? 204 G   C N2    1 
ATOM   424 N N3    . G   C 1 4 ? 4.749   1.465   39.219  1.00 83.39 ? 204 G   C N3    1 
ATOM   425 C C4    . G   C 1 4 ? 5.358   0.864   40.263  1.00 83.23 ? 204 G   C C4    1 
ATOM   426 P P     . A   C 1 5 ? 11.254  3.493   40.013  1.00 80.33 ? 205 A   C P     1 
ATOM   427 O OP1   . A   C 1 5 ? 12.660  3.187   40.375  1.00 80.57 ? 205 A   C OP1   1 
ATOM   428 O OP2   . A   C 1 5 ? 10.276  3.853   41.077  1.00 79.49 ? 205 A   C OP2   1 
ATOM   429 O "O5'" . A   C 1 5 ? 11.261  4.645   38.923  1.00 79.16 ? 205 A   C "O5'" 1 
ATOM   430 C "C5'" . A   C 1 5 ? 11.923  4.444   37.682  1.00 76.56 ? 205 A   C "C5'" 1 
ATOM   431 C "C4'" . A   C 1 5 ? 11.368  5.373   36.636  1.00 73.89 ? 205 A   C "C4'" 1 
ATOM   432 O "O4'" . A   C 1 5 ? 10.044  4.949   36.234  1.00 72.73 ? 205 A   C "O4'" 1 
ATOM   433 C "C3'" . A   C 1 5 ? 11.163  6.804   37.079  1.00 72.36 ? 205 A   C "C3'" 1 
ATOM   434 O "O3'" . A   C 1 5 ? 12.381  7.523   37.049  1.00 70.13 ? 205 A   C "O3'" 1 
ATOM   435 C "C2'" . A   C 1 5 ? 10.180  7.304   36.039  1.00 72.33 ? 205 A   C "C2'" 1 
ATOM   436 O "O2'" . A   C 1 5 ? 10.805  7.611   34.812  1.00 73.44 ? 205 A   C "O2'" 1 
ATOM   437 C "C1'" . A   C 1 5 ? 9.275   6.084   35.879  1.00 71.82 ? 205 A   C "C1'" 1 
ATOM   438 N N9    . A   C 1 5 ? 8.122   6.153   36.771  1.00 71.17 ? 205 A   C N9    1 
ATOM   439 C C8    . A   C 1 5 ? 7.916   5.472   37.942  1.00 71.33 ? 205 A   C C8    1 
ATOM   440 N N7    . A   C 1 5 ? 6.786   5.770   38.533  1.00 70.94 ? 205 A   C N7    1 
ATOM   441 C C5    . A   C 1 5 ? 6.210   6.709   37.693  1.00 70.86 ? 205 A   C C5    1 
ATOM   442 C C6    . A   C 1 5 ? 5.011   7.421   37.765  1.00 70.65 ? 205 A   C C6    1 
ATOM   443 N N6    . A   C 1 5 ? 4.145   7.299   38.764  1.00 71.25 ? 205 A   C N6    1 
ATOM   444 N N1    . A   C 1 5 ? 4.728   8.279   36.764  1.00 70.32 ? 205 A   C N1    1 
ATOM   445 C C2    . A   C 1 5 ? 5.604   8.408   35.770  1.00 70.62 ? 205 A   C C2    1 
ATOM   446 N N3    . A   C 1 5 ? 6.769   7.797   35.592  1.00 71.32 ? 205 A   C N3    1 
ATOM   447 C C4    . A   C 1 5 ? 7.017   6.948   36.602  1.00 71.15 ? 205 A   C C4    1 
ATOM   448 P P     . G   C 1 6 ? 12.750  8.487   38.268  1.00 67.02 ? 206 G   C P     1 
ATOM   449 O OP1   . G   C 1 6 ? 14.022  9.165   37.938  1.00 68.38 ? 206 G   C OP1   1 
ATOM   450 O OP2   . G   C 1 6 ? 12.640  7.702   39.519  1.00 67.97 ? 206 G   C OP2   1 
ATOM   451 O "O5'" . G   C 1 6 ? 11.578  9.555   38.254  1.00 65.34 ? 206 G   C "O5'" 1 
ATOM   452 C "C5'" . G   C 1 6 ? 11.201  10.201  37.049  1.00 61.77 ? 206 G   C "C5'" 1 
ATOM   453 C "C4'" . G   C 1 6 ? 9.824   10.783  37.188  1.00 59.47 ? 206 G   C "C4'" 1 
ATOM   454 O "O4'" . G   C 1 6 ? 8.857   9.722   37.384  1.00 59.21 ? 206 G   C "O4'" 1 
ATOM   455 C "C3'" . G   C 1 6 ? 9.616   11.652  38.410  1.00 59.28 ? 206 G   C "C3'" 1 
ATOM   456 O "O3'" . G   C 1 6 ? 10.153  12.948  38.231  1.00 59.11 ? 206 G   C "O3'" 1 
ATOM   457 C "C2'" . G   C 1 6 ? 8.100   11.643  38.566  1.00 58.26 ? 206 G   C "C2'" 1 
ATOM   458 O "O2'" . G   C 1 6 ? 7.406   12.579  37.777  1.00 56.49 ? 206 G   C "O2'" 1 
ATOM   459 C "C1'" . G   C 1 6 ? 7.758   10.215  38.137  1.00 57.81 ? 206 G   C "C1'" 1 
ATOM   460 N N9    . G   C 1 6 ? 7.529   9.360   39.300  1.00 56.87 ? 206 G   C N9    1 
ATOM   461 C C8    . G   C 1 6 ? 8.371   8.425   39.858  1.00 55.96 ? 206 G   C C8    1 
ATOM   462 N N7    . G   C 1 6 ? 7.889   7.892   40.947  1.00 55.90 ? 206 G   C N7    1 
ATOM   463 C C5    . G   C 1 6 ? 6.646   8.498   41.104  1.00 56.10 ? 206 G   C C5    1 
ATOM   464 C C6    . G   C 1 6 ? 5.657   8.338   42.112  1.00 56.30 ? 206 G   C C6    1 
ATOM   465 O O6    . G   C 1 6 ? 5.680   7.614   43.105  1.00 57.05 ? 206 G   C O6    1 
ATOM   466 N N1    . G   C 1 6 ? 4.552   9.142   41.876  1.00 55.32 ? 206 G   C N1    1 
ATOM   467 C C2    . G   C 1 6 ? 4.411   9.992   40.816  1.00 55.26 ? 206 G   C C2    1 
ATOM   468 N N2    . G   C 1 6 ? 3.269   10.682  40.760  1.00 55.84 ? 206 G   C N2    1 
ATOM   469 N N3    . G   C 1 6 ? 5.320   10.157  39.878  1.00 55.18 ? 206 G   C N3    1 
ATOM   470 C C4    . G   C 1 6 ? 6.404   9.386   40.085  1.00 56.07 ? 206 G   C C4    1 
ATOM   471 P P     . C   C 1 7 ? 10.762  13.733  39.490  1.00 58.36 ? 207 C   C P     1 
ATOM   472 O OP1   . C   C 1 7 ? 11.349  14.957  38.922  1.00 59.43 ? 207 C   C OP1   1 
ATOM   473 O OP2   . C   C 1 7 ? 11.611  12.821  40.296  1.00 58.10 ? 207 C   C OP2   1 
ATOM   474 O "O5'" . C   C 1 7 ? 9.478   14.132  40.340  1.00 57.64 ? 207 C   C "O5'" 1 
ATOM   475 C "C5'" . C   C 1 7 ? 8.536   15.039  39.797  1.00 58.22 ? 207 C   C "C5'" 1 
ATOM   476 C "C4'" . C   C 1 7 ? 7.314   15.126  40.665  1.00 58.58 ? 207 C   C "C4'" 1 
ATOM   477 O "O4'" . C   C 1 7 ? 6.670   13.833  40.725  1.00 58.52 ? 207 C   C "O4'" 1 
ATOM   478 C "C3'" . C   C 1 7 ? 7.530   15.450  42.128  1.00 59.51 ? 207 C   C "C3'" 1 
ATOM   479 O "O3'" . C   C 1 7 ? 7.802   16.822  42.348  1.00 61.23 ? 207 C   C "O3'" 1 
ATOM   480 C "C2'" . C   C 1 7 ? 6.195   15.020  42.714  1.00 59.02 ? 207 C   C "C2'" 1 
ATOM   481 O "O2'" . C   C 1 7 ? 5.138   15.917  42.422  1.00 57.72 ? 207 C   C "O2'" 1 
ATOM   482 C "C1'" . C   C 1 7 ? 5.975   13.710  41.960  1.00 59.06 ? 207 C   C "C1'" 1 
ATOM   483 N N1    . C   C 1 7 ? 6.498   12.542  42.704  1.00 59.14 ? 207 C   C N1    1 
ATOM   484 C C2    . C   C 1 7 ? 5.692   11.962  43.704  1.00 59.95 ? 207 C   C C2    1 
ATOM   485 O O2    . C   C 1 7 ? 4.556   12.432  43.920  1.00 60.90 ? 207 C   C O2    1 
ATOM   486 N N3    . C   C 1 7 ? 6.170   10.909  44.407  1.00 59.17 ? 207 C   C N3    1 
ATOM   487 C C4    . C   C 1 7 ? 7.386   10.431  44.151  1.00 58.51 ? 207 C   C C4    1 
ATOM   488 N N4    . C   C 1 7 ? 7.818   9.407   44.882  1.00 58.24 ? 207 C   C N4    1 
ATOM   489 C C5    . C   C 1 7 ? 8.216   10.985  43.135  1.00 58.08 ? 207 C   C C5    1 
ATOM   490 C C6    . C   C 1 7 ? 7.739   12.030  42.443  1.00 58.09 ? 207 C   C C6    1 
ATOM   491 P P     . C   C 1 8 ? 8.762   17.253  43.563  1.00 60.92 ? 208 C   C P     1 
ATOM   492 O OP1   . C   C 1 8 ? 8.931   18.718  43.453  1.00 62.26 ? 208 C   C OP1   1 
ATOM   493 O OP2   . C   C 1 8 ? 9.958   16.373  43.597  1.00 60.26 ? 208 C   C OP2   1 
ATOM   494 O "O5'" . C   C 1 8 ? 7.899   16.941  44.864  1.00 62.60 ? 208 C   C "O5'" 1 
ATOM   495 C "C5'" . C   C 1 8 ? 6.572   17.454  45.009  1.00 63.10 ? 208 C   C "C5'" 1 
ATOM   496 C "C4'" . C   C 1 8 ? 5.880   16.802  46.192  1.00 63.53 ? 208 C   C "C4'" 1 
ATOM   497 O "O4'" . C   C 1 8 ? 5.848   15.363  46.009  1.00 62.59 ? 208 C   C "O4'" 1 
ATOM   498 C "C3'" . C   C 1 8 ? 6.557   16.953  47.545  1.00 63.87 ? 208 C   C "C3'" 1 
ATOM   499 O "O3'" . C   C 1 8 ? 6.368   18.251  48.115  1.00 65.52 ? 208 C   C "O3'" 1 
ATOM   500 C "C2'" . C   C 1 8 ? 5.940   15.810  48.352  1.00 62.89 ? 208 C   C "C2'" 1 
ATOM   501 O "O2'" . C   C 1 8 ? 4.668   16.118  48.889  1.00 64.11 ? 208 C   C "O2'" 1 
ATOM   502 C "C1'" . C   C 1 8 ? 5.774   14.731  47.279  1.00 60.41 ? 208 C   C "C1'" 1 
ATOM   503 N N1    . C   C 1 8 ? 6.759   13.636  47.342  1.00 56.06 ? 208 C   C N1    1 
ATOM   504 C C2    . C   C 1 8 ? 6.560   12.601  48.270  1.00 54.51 ? 208 C   C C2    1 
ATOM   505 O O2    . C   C 1 8 ? 5.588   12.659  49.042  1.00 53.20 ? 208 C   C O2    1 
ATOM   506 N N3    . C   C 1 8 ? 7.435   11.574  48.310  1.00 53.54 ? 208 C   C N3    1 
ATOM   507 C C4    . C   C 1 8 ? 8.486   11.560  47.489  1.00 53.58 ? 208 C   C C4    1 
ATOM   508 N N4    . C   C 1 8 ? 9.328   10.526  47.569  1.00 52.83 ? 208 C   C N4    1 
ATOM   509 C C5    . C   C 1 8 ? 8.722   12.604  46.549  1.00 54.34 ? 208 C   C C5    1 
ATOM   510 C C6    . C   C 1 8 ? 7.841   13.613  46.510  1.00 55.10 ? 208 C   C C6    1 
ATOM   511 O "O5'" . G   D 1 1 ? 7.084   3.583   54.105  1.00 47.78 ? 209 G   D "O5'" 1 
ATOM   512 C "C5'" . G   D 1 1 ? 5.890   3.485   54.884  1.00 49.28 ? 209 G   D "C5'" 1 
ATOM   513 C "C4'" . G   D 1 1 ? 5.044   4.744   54.877  1.00 50.21 ? 209 G   D "C4'" 1 
ATOM   514 O "O4'" . G   D 1 1 ? 5.898   5.900   55.116  1.00 50.05 ? 209 G   D "O4'" 1 
ATOM   515 C "C3'" . G   D 1 1 ? 4.321   5.093   53.580  1.00 50.99 ? 209 G   D "C3'" 1 
ATOM   516 O "O3'" . G   D 1 1 ? 3.085   4.412   53.426  1.00 52.94 ? 209 G   D "O3'" 1 
ATOM   517 C "C2'" . G   D 1 1 ? 4.114   6.594   53.743  1.00 49.59 ? 209 G   D "C2'" 1 
ATOM   518 O "O2'" . G   D 1 1 ? 3.077   6.943   54.651  1.00 48.94 ? 209 G   D "O2'" 1 
ATOM   519 C "C1'" . G   D 1 1 ? 5.474   6.994   54.306  1.00 48.22 ? 209 G   D "C1'" 1 
ATOM   520 N N9    . G   D 1 1 ? 6.444   7.162   53.224  1.00 45.88 ? 209 G   D N9    1 
ATOM   521 C C8    . G   D 1 1 ? 7.496   6.327   52.917  1.00 45.39 ? 209 G   D C8    1 
ATOM   522 N N7    . G   D 1 1 ? 8.173   6.718   51.872  1.00 44.63 ? 209 G   D N7    1 
ATOM   523 C C5    . G   D 1 1 ? 7.537   7.883   51.467  1.00 43.06 ? 209 G   D C5    1 
ATOM   524 C C6    . G   D 1 1 ? 7.824   8.748   50.389  1.00 42.59 ? 209 G   D C6    1 
ATOM   525 O O6    . G   D 1 1 ? 8.741   8.664   49.551  1.00 41.27 ? 209 G   D O6    1 
ATOM   526 N N1    . G   D 1 1 ? 6.919   9.807   50.335  1.00 42.20 ? 209 G   D N1    1 
ATOM   527 C C2    . G   D 1 1 ? 5.884   10.011  51.215  1.00 41.38 ? 209 G   D C2    1 
ATOM   528 N N2    . G   D 1 1 ? 5.124   11.096  51.003  1.00 40.55 ? 209 G   D N2    1 
ATOM   529 N N3    . G   D 1 1 ? 5.613   9.211   52.229  1.00 41.35 ? 209 G   D N3    1 
ATOM   530 C C4    . G   D 1 1 ? 6.471   8.174   52.294  1.00 43.32 ? 209 G   D C4    1 
ATOM   531 P P     . I   D 1 2 ? 2.370   4.388   51.990  1.00 54.64 ? 210 I   D P     1 
ATOM   532 O OP1   . I   D 1 2 ? 1.087   3.666   52.181  1.00 55.53 ? 210 I   D OP1   1 
ATOM   533 O OP2   . I   D 1 2 ? 3.360   3.896   50.991  1.00 53.56 ? 210 I   D OP2   1 
ATOM   534 O "O5'" . I   D 1 2 ? 2.017   5.912   51.682  1.00 53.08 ? 210 I   D "O5'" 1 
ATOM   535 C "C5'" . I   D 1 2 ? 0.945   6.568   52.352  1.00 53.00 ? 210 I   D "C5'" 1 
ATOM   536 C "C4'" . I   D 1 2 ? 0.508   7.789   51.570  1.00 54.11 ? 210 I   D "C4'" 1 
ATOM   537 O "O4'" . I   D 1 2 ? 1.608   8.738   51.500  1.00 53.29 ? 210 I   D "O4'" 1 
ATOM   538 C "C3'" . I   D 1 2 ? 0.154   7.544   50.113  1.00 55.27 ? 210 I   D "C3'" 1 
ATOM   539 O "O3'" . I   D 1 2 ? -1.174  7.070   49.950  1.00 60.27 ? 210 I   D "O3'" 1 
ATOM   540 C "C2'" . I   D 1 2 ? 0.384   8.916   49.500  1.00 53.05 ? 210 I   D "C2'" 1 
ATOM   541 O "O2'" . I   D 1 2 ? -0.625  9.854   49.833  1.00 49.98 ? 210 I   D "O2'" 1 
ATOM   542 C "C1'" . I   D 1 2 ? 1.687   9.299   50.192  1.00 51.43 ? 210 I   D "C1'" 1 
ATOM   543 N N9    . I   D 1 2 ? 2.874   8.749   49.532  1.00 49.51 ? 210 I   D N9    1 
ATOM   544 C C8    . I   D 1 2 ? 3.570   7.609   49.884  1.00 49.18 ? 210 I   D C8    1 
ATOM   545 N N7    . I   D 1 2 ? 4.607   7.379   49.124  1.00 47.06 ? 210 I   D N7    1 
ATOM   546 C C5    . I   D 1 2 ? 4.597   8.421   48.209  1.00 46.34 ? 210 I   D C5    1 
ATOM   547 C C6    . I   D 1 2 ? 5.474   8.697   47.138  1.00 45.60 ? 210 I   D C6    1 
ATOM   548 O O6    . I   D 1 2 ? 6.466   8.065   46.779  1.00 44.44 ? 210 I   D O6    1 
ATOM   549 N N1    . I   D 1 2 ? 5.098   9.845   46.456  1.00 45.91 ? 210 I   D N1    1 
ATOM   550 C C2    . I   D 1 2 ? 4.011   10.630  46.766  1.00 47.27 ? 210 I   D C2    1 
ATOM   551 N N3    . I   D 1 2 ? 3.179   10.384  47.769  1.00 46.83 ? 210 I   D N3    1 
ATOM   552 C C4    . I   D 1 2 ? 3.530   9.272   48.442  1.00 47.36 ? 210 I   D C4    1 
ATOM   553 P P     . C   D 1 3 ? -1.521  6.119   48.699  1.00 63.51 ? 211 C   D P     1 
ATOM   554 O OP1   . C   D 1 3 ? -2.927  5.650   48.857  1.00 63.33 ? 211 C   D OP1   1 
ATOM   555 O OP2   . C   D 1 3 ? -0.419  5.114   48.572  1.00 62.75 ? 211 C   D OP2   1 
ATOM   556 O "O5'" . C   D 1 3 ? -1.449  7.123   47.458  1.00 62.09 ? 211 C   D "O5'" 1 
ATOM   557 C "C5'" . C   D 1 3 ? -2.306  8.270   47.399  1.00 60.75 ? 211 C   D "C5'" 1 
ATOM   558 C "C4'" . C   D 1 3 ? -2.045  9.077   46.141  1.00 59.08 ? 211 C   D "C4'" 1 
ATOM   559 O "O4'" . C   D 1 3 ? -0.719  9.662   46.196  1.00 56.23 ? 211 C   D "O4'" 1 
ATOM   560 C "C3'" . C   D 1 3 ? -2.070  8.320   44.821  1.00 59.43 ? 211 C   D "C3'" 1 
ATOM   561 O "O3'" . C   D 1 3 ? -3.407  8.181   44.333  1.00 63.61 ? 211 C   D "O3'" 1 
ATOM   562 C "C2'" . C   D 1 3 ? -1.240  9.229   43.928  1.00 56.40 ? 211 C   D "C2'" 1 
ATOM   563 O "O2'" . C   D 1 3 ? -1.974  10.358  43.499  1.00 56.79 ? 211 C   D "O2'" 1 
ATOM   564 C "C1'" . C   D 1 3 ? -0.149  9.682   44.898  1.00 52.41 ? 211 C   D "C1'" 1 
ATOM   565 N N1    . C   D 1 3 ? 1.045   8.820   44.909  1.00 46.35 ? 211 C   D N1    1 
ATOM   566 C C2    . C   D 1 3 ? 2.049   9.029   43.955  1.00 43.55 ? 211 C   D C2    1 
ATOM   567 O O2    . C   D 1 3 ? 1.903   9.920   43.114  1.00 43.59 ? 211 C   D O2    1 
ATOM   568 N N3    . C   D 1 3 ? 3.154   8.259   43.980  1.00 41.18 ? 211 C   D N3    1 
ATOM   569 C C4    . C   D 1 3 ? 3.282   7.315   44.909  1.00 42.19 ? 211 C   D C4    1 
ATOM   570 N N4    . C   D 1 3 ? 4.398   6.584   44.916  1.00 41.81 ? 211 C   D N4    1 
ATOM   571 C C5    . C   D 1 3 ? 2.273   7.075   45.884  1.00 43.68 ? 211 C   D C5    1 
ATOM   572 C C6    . C   D 1 3 ? 1.181   7.838   45.845  1.00 44.62 ? 211 C   D C6    1 
ATOM   573 P P     . G   D 1 4 ? -3.832  6.851   43.520  1.00 66.22 ? 212 G   D P     1 
ATOM   574 O OP1   . G   D 1 4 ? -5.306  6.708   43.672  1.00 66.63 ? 212 G   D OP1   1 
ATOM   575 O OP2   . G   D 1 4 ? -2.936  5.717   43.910  1.00 65.51 ? 212 G   D OP2   1 
ATOM   576 O "O5'" . G   D 1 4 ? -3.514  7.214   42.001  1.00 65.29 ? 212 G   D "O5'" 1 
ATOM   577 C "C5'" . G   D 1 4 ? -2.900  6.259   41.145  1.00 63.61 ? 212 G   D "C5'" 1 
ATOM   578 C "C4'" . G   D 1 4 ? -1.619  6.814   40.579  1.00 62.20 ? 212 G   D "C4'" 1 
ATOM   579 O "O4'" . G   D 1 4 ? -0.776  7.301   41.654  1.00 60.68 ? 212 G   D "O4'" 1 
ATOM   580 C "C3'" . G   D 1 4 ? -0.758  5.783   39.876  1.00 62.35 ? 212 G   D "C3'" 1 
ATOM   581 O "O3'" . G   D 1 4 ? -1.196  5.607   38.539  1.00 65.24 ? 212 G   D "O3'" 1 
ATOM   582 C "C2'" . G   D 1 4 ? 0.621   6.418   39.966  1.00 60.01 ? 212 G   D "C2'" 1 
ATOM   583 O "O2'" . G   D 1 4 ? 0.809   7.479   39.060  1.00 59.48 ? 212 G   D "O2'" 1 
ATOM   584 C "C1'" . G   D 1 4 ? 0.576   6.989   41.379  1.00 58.65 ? 212 G   D "C1'" 1 
ATOM   585 N N9    . G   D 1 4 ? 1.023   6.019   42.367  1.00 56.92 ? 212 G   D N9    1 
ATOM   586 C C8    . G   D 1 4 ? 0.354   5.612   43.492  1.00 56.37 ? 212 G   D C8    1 
ATOM   587 N N7    . G   D 1 4 ? 1.023   4.743   44.195  1.00 56.77 ? 212 G   D N7    1 
ATOM   588 C C5    . G   D 1 4 ? 2.204   4.566   43.489  1.00 56.43 ? 212 G   D C5    1 
ATOM   589 C C6    . G   D 1 4 ? 3.340   3.748   43.769  1.00 56.84 ? 212 G   D C6    1 
ATOM   590 O O6    . G   D 1 4 ? 3.548   3.019   44.750  1.00 57.20 ? 212 G   D O6    1 
ATOM   591 N N1    . G   D 1 4 ? 4.300   3.847   42.768  1.00 56.68 ? 212 G   D N1    1 
ATOM   592 C C2    . G   D 1 4 ? 4.193   4.637   41.652  1.00 56.91 ? 212 G   D C2    1 
ATOM   593 N N2    . G   D 1 4 ? 5.211   4.570   40.778  1.00 57.00 ? 212 G   D N2    1 
ATOM   594 N N3    . G   D 1 4 ? 3.160   5.427   41.400  1.00 57.02 ? 212 G   D N3    1 
ATOM   595 C C4    . G   D 1 4 ? 2.211   5.336   42.352  1.00 56.52 ? 212 G   D C4    1 
ATOM   596 P P     . A   D 1 5 ? -2.126  4.345   38.160  1.00 66.06 ? 213 A   D P     1 
ATOM   597 O OP1   . A   D 1 5 ? -3.523  4.653   38.601  1.00 64.69 ? 213 A   D OP1   1 
ATOM   598 O OP2   . A   D 1 5 ? -1.457  3.100   38.642  1.00 65.97 ? 213 A   D OP2   1 
ATOM   599 O "O5'" . A   D 1 5 ? -2.064  4.326   36.568  1.00 64.40 ? 213 A   D "O5'" 1 
ATOM   600 C "C5'" . A   D 1 5 ? -2.562  5.423   35.814  1.00 61.42 ? 213 A   D "C5'" 1 
ATOM   601 C "C4'" . A   D 1 5 ? -1.521  5.915   34.839  1.00 59.38 ? 213 A   D "C4'" 1 
ATOM   602 O "O4'" . A   D 1 5 ? -0.392  6.500   35.540  1.00 58.96 ? 213 A   D "O4'" 1 
ATOM   603 C "C3'" . A   D 1 5 ? -0.849  4.889   33.949  1.00 58.51 ? 213 A   D "C3'" 1 
ATOM   604 O "O3'" . A   D 1 5 ? -1.686  4.479   32.879  1.00 55.71 ? 213 A   D "O3'" 1 
ATOM   605 C "C2'" . A   D 1 5 ? 0.343   5.690   33.441  1.00 59.17 ? 213 A   D "C2'" 1 
ATOM   606 O "O2'" . A   D 1 5 ? -0.009  6.633   32.453  1.00 62.52 ? 213 A   D "O2'" 1 
ATOM   607 C "C1'" . A   D 1 5 ? 0.757   6.438   34.706  1.00 58.16 ? 213 A   D "C1'" 1 
ATOM   608 N N9    . A   D 1 5 ? 1.789   5.672   35.382  1.00 56.63 ? 213 A   D N9    1 
ATOM   609 C C8    . A   D 1 5 ? 1.695   4.926   36.524  1.00 57.13 ? 213 A   D C8    1 
ATOM   610 N N7    . A   D 1 5 ? 2.800   4.293   36.831  1.00 57.92 ? 213 A   D N7    1 
ATOM   611 C C5    . A   D 1 5 ? 3.683   4.661   35.826  1.00 57.17 ? 213 A   D C5    1 
ATOM   612 C C6    . A   D 1 5 ? 5.023   4.313   35.566  1.00 57.41 ? 213 A   D C6    1 
ATOM   613 N N6    . A   D 1 5 ? 5.732   3.462   36.324  1.00 57.27 ? 213 A   D N6    1 
ATOM   614 N N1    . A   D 1 5 ? 5.614   4.866   34.483  1.00 56.91 ? 213 A   D N1    1 
ATOM   615 C C2    . A   D 1 5 ? 4.893   5.698   33.716  1.00 56.45 ? 213 A   D C2    1 
ATOM   616 N N3    . A   D 1 5 ? 3.626   6.089   33.854  1.00 55.74 ? 213 A   D N3    1 
ATOM   617 C C4    . A   D 1 5 ? 3.075   5.527   34.940  1.00 56.29 ? 213 A   D C4    1 
ATOM   618 P P     . G   D 1 6 ? -1.635  2.957   32.378  1.00 53.70 ? 214 G   D P     1 
ATOM   619 O OP1   . G   D 1 6 ? -2.199  2.921   31.006  1.00 54.13 ? 214 G   D OP1   1 
ATOM   620 O OP2   . G   D 1 6 ? -2.227  2.115   33.447  1.00 53.59 ? 214 G   D OP2   1 
ATOM   621 O "O5'" . G   D 1 6 ? -0.085  2.620   32.280  1.00 51.44 ? 214 G   D "O5'" 1 
ATOM   622 C "C5'" . G   D 1 6 ? 0.683   3.098   31.188  1.00 49.85 ? 214 G   D "C5'" 1 
ATOM   623 C "C4'" . G   D 1 6 ? 2.095   2.592   31.289  1.00 48.84 ? 214 G   D "C4'" 1 
ATOM   624 O "O4'" . G   D 1 6 ? 2.612   2.983   32.584  1.00 47.20 ? 214 G   D "O4'" 1 
ATOM   625 C "C3'" . G   D 1 6 ? 2.282   1.080   31.262  1.00 49.66 ? 214 G   D "C3'" 1 
ATOM   626 O "O3'" . G   D 1 6 ? 2.319   0.570   29.923  1.00 52.14 ? 214 G   D "O3'" 1 
ATOM   627 C "C2'" . G   D 1 6 ? 3.627   0.933   31.956  1.00 48.36 ? 214 G   D "C2'" 1 
ATOM   628 O "O2'" . G   D 1 6 ? 4.713   1.224   31.099  1.00 47.42 ? 214 G   D "O2'" 1 
ATOM   629 C "C1'" . G   D 1 6 ? 3.513   1.998   33.051  1.00 48.16 ? 214 G   D "C1'" 1 
ATOM   630 N N9    . G   D 1 6 ? 3.002   1.457   34.310  1.00 48.99 ? 214 G   D N9    1 
ATOM   631 C C8    . G   D 1 6 ? 1.743   1.614   34.842  1.00 49.89 ? 214 G   D C8    1 
ATOM   632 N N7    . G   D 1 6 ? 1.570   0.945   35.952  1.00 49.33 ? 214 G   D N7    1 
ATOM   633 C C5    . G   D 1 6 ? 2.789   0.320   36.170  1.00 48.82 ? 214 G   D C5    1 
ATOM   634 C C6    . G   D 1 6 ? 3.192   -0.556  37.195  1.00 49.21 ? 214 G   D C6    1 
ATOM   635 O O6    . G   D 1 6 ? 2.529   -0.981  38.144  1.00 49.84 ? 214 G   D O6    1 
ATOM   636 N N1    . G   D 1 6 ? 4.519   -0.950  37.040  1.00 49.36 ? 214 G   D N1    1 
ATOM   637 C C2    . G   D 1 6 ? 5.349   -0.552  36.023  1.00 48.93 ? 214 G   D C2    1 
ATOM   638 N N2    . G   D 1 6 ? 6.605   -1.032  36.047  1.00 47.89 ? 214 G   D N2    1 
ATOM   639 N N3    . G   D 1 6 ? 4.977   0.255   35.051  1.00 49.18 ? 214 G   D N3    1 
ATOM   640 C C4    . G   D 1 6 ? 3.692   0.648   35.183  1.00 48.88 ? 214 G   D C4    1 
ATOM   641 P P     . C   D 1 7 ? 1.820   -0.938  29.611  1.00 53.06 ? 215 C   D P     1 
ATOM   642 O OP1   . C   D 1 7 ? 1.840   -1.097  28.131  1.00 52.42 ? 215 C   D OP1   1 
ATOM   643 O OP2   . C   D 1 7 ? 0.567   -1.228  30.360  1.00 51.98 ? 215 C   D OP2   1 
ATOM   644 O "O5'" . C   D 1 7 ? 2.960   -1.860  30.235  1.00 51.95 ? 215 C   D "O5'" 1 
ATOM   645 C "C5'" . C   D 1 7 ? 4.275   -1.862  29.696  1.00 52.61 ? 215 C   D "C5'" 1 
ATOM   646 C "C4'" . C   D 1 7 ? 5.172   -2.744  30.523  1.00 53.39 ? 215 C   D "C4'" 1 
ATOM   647 O "O4'" . C   D 1 7 ? 5.281   -2.195  31.865  1.00 52.95 ? 215 C   D "O4'" 1 
ATOM   648 C "C3'" . C   D 1 7 ? 4.655   -4.151  30.759  1.00 54.99 ? 215 C   D "C3'" 1 
ATOM   649 O "O3'" . C   D 1 7 ? 4.904   -4.996  29.639  1.00 58.35 ? 215 C   D "O3'" 1 
ATOM   650 C "C2'" . C   D 1 7 ? 5.407   -4.558  32.020  1.00 53.11 ? 215 C   D "C2'" 1 
ATOM   651 O "O2'" . C   D 1 7 ? 6.757   -4.920  31.809  1.00 52.94 ? 215 C   D "O2'" 1 
ATOM   652 C "C1'" . C   D 1 7 ? 5.364   -3.254  32.810  1.00 51.39 ? 215 C   D "C1'" 1 
ATOM   653 N N1    . C   D 1 7 ? 4.201   -3.185  33.714  1.00 49.59 ? 215 C   D N1    1 
ATOM   654 C C2    . C   D 1 7 ? 4.184   -4.005  34.841  1.00 49.24 ? 215 C   D C2    1 
ATOM   655 O O2    . C   D 1 7 ? 5.147   -4.758  35.047  1.00 49.78 ? 215 C   D O2    1 
ATOM   656 N N3    . C   D 1 7 ? 3.126   -3.960  35.678  1.00 48.53 ? 215 C   D N3    1 
ATOM   657 C C4    . C   D 1 7 ? 2.112   -3.135  35.427  1.00 47.88 ? 215 C   D C4    1 
ATOM   658 N N4    . C   D 1 7 ? 1.092   -3.124  36.282  1.00 47.74 ? 215 C   D N4    1 
ATOM   659 C C5    . C   D 1 7 ? 2.100   -2.286  34.288  1.00 48.35 ? 215 C   D C5    1 
ATOM   660 C C6    . C   D 1 7 ? 3.153   -2.342  33.464  1.00 49.11 ? 215 C   D C6    1 
ATOM   661 P P     . C   D 1 8 ? 3.812   -6.106  29.218  1.00 59.38 ? 216 C   D P     1 
ATOM   662 O OP1   . C   D 1 8 ? 4.227   -6.635  27.891  1.00 58.85 ? 216 C   D OP1   1 
ATOM   663 O OP2   . C   D 1 8 ? 2.450   -5.521  29.381  1.00 59.80 ? 216 C   D OP2   1 
ATOM   664 O "O5'" . C   D 1 8 ? 4.002   -7.247  30.314  1.00 56.67 ? 216 C   D "O5'" 1 
ATOM   665 C "C5'" . C   D 1 8 ? 5.242   -7.924  30.406  1.00 54.77 ? 216 C   D "C5'" 1 
ATOM   666 C "C4'" . C   D 1 8 ? 5.374   -8.627  31.728  1.00 54.12 ? 216 C   D "C4'" 1 
ATOM   667 O "O4'" . C   D 1 8 ? 5.168   -7.684  32.808  1.00 52.65 ? 216 C   D "O4'" 1 
ATOM   668 C "C3'" . C   D 1 8 ? 4.372   -9.714  32.073  1.00 54.76 ? 216 C   D "C3'" 1 
ATOM   669 O "O3'" . C   D 1 8 ? 4.455   -10.967 31.375  1.00 57.05 ? 216 C   D "O3'" 1 
ATOM   670 C "C2'" . C   D 1 8 ? 4.643   -9.865  33.560  1.00 53.64 ? 216 C   D "C2'" 1 
ATOM   671 O "O2'" . C   D 1 8 ? 5.877   -10.511 33.813  1.00 54.48 ? 216 C   D "O2'" 1 
ATOM   672 C "C1'" . C   D 1 8 ? 4.760   -8.397  33.969  1.00 50.83 ? 216 C   D "C1'" 1 
ATOM   673 N N1    . C   D 1 8 ? 3.467   -7.873  34.428  1.00 46.95 ? 216 C   D N1    1 
ATOM   674 C C2    . C   D 1 8 ? 3.047   -8.172  35.740  1.00 45.67 ? 216 C   D C2    1 
ATOM   675 O O2    . C   D 1 8 ? 3.776   -8.869  36.472  1.00 44.88 ? 216 C   D O2    1 
ATOM   676 N N3    . C   D 1 8 ? 1.866   -7.700  36.174  1.00 44.78 ? 216 C   D N3    1 
ATOM   677 C C4    . C   D 1 8 ? 1.110   -6.959  35.366  1.00 45.55 ? 216 C   D C4    1 
ATOM   678 N N4    . C   D 1 8 ? -0.046  -6.510  35.845  1.00 46.51 ? 216 C   D N4    1 
ATOM   679 C C5    . C   D 1 8 ? 1.509   -6.644  34.030  1.00 45.15 ? 216 C   D C5    1 
ATOM   680 C C6    . C   D 1 8 ? 2.681   -7.116  33.607  1.00 45.02 ? 216 C   D C6    1 
ATOM   681 O "O5'" . G   E 1 1 ? 6.373   21.976  -37.879 1.00 47.28 ? 301 G   E "O5'" 1 
ATOM   682 C "C5'" . G   E 1 1 ? 6.806   22.512  -39.133 1.00 49.47 ? 301 G   E "C5'" 1 
ATOM   683 C "C4'" . G   E 1 1 ? 8.167   22.011  -39.574 1.00 51.34 ? 301 G   E "C4'" 1 
ATOM   684 O "O4'" . G   E 1 1 ? 9.139   22.254  -38.520 1.00 51.25 ? 301 G   E "O4'" 1 
ATOM   685 C "C3'" . G   E 1 1 ? 8.270   20.521  -39.861 1.00 53.24 ? 301 G   E "C3'" 1 
ATOM   686 O "O3'" . G   E 1 1 ? 7.883   20.238  -41.209 1.00 57.12 ? 301 G   E "O3'" 1 
ATOM   687 C "C2'" . G   E 1 1 ? 9.754   20.258  -39.622 1.00 51.73 ? 301 G   E "C2'" 1 
ATOM   688 O "O2'" . G   E 1 1 ? 10.548  20.697  -40.716 1.00 50.31 ? 301 G   E "O2'" 1 
ATOM   689 C "C1'" . G   E 1 1 ? 10.020  21.147  -38.404 1.00 49.76 ? 301 G   E "C1'" 1 
ATOM   690 N N9    . G   E 1 1 ? 9.784   20.537  -37.093 1.00 47.42 ? 301 G   E N9    1 
ATOM   691 C C8    . G   E 1 1 ? 8.760   20.853  -36.227 1.00 46.72 ? 301 G   E C8    1 
ATOM   692 N N7    . G   E 1 1 ? 8.807   20.188  -35.105 1.00 45.75 ? 301 G   E N7    1 
ATOM   693 C C5    . G   E 1 1 ? 9.922   19.370  -35.235 1.00 45.85 ? 301 G   E C5    1 
ATOM   694 C C6    . G   E 1 1 ? 10.469  18.429  -34.327 1.00 45.81 ? 301 G   E C6    1 
ATOM   695 O O6    . G   E 1 1 ? 10.057  18.124  -33.206 1.00 44.91 ? 301 G   E O6    1 
ATOM   696 N N1    . G   E 1 1 ? 11.609  17.817  -34.842 1.00 45.88 ? 301 G   E N1    1 
ATOM   697 C C2    . G   E 1 1 ? 12.150  18.077  -36.082 1.00 46.82 ? 301 G   E C2    1 
ATOM   698 N N2    . G   E 1 1 ? 13.257  17.370  -36.399 1.00 46.34 ? 301 G   E N2    1 
ATOM   699 N N3    . G   E 1 1 ? 11.645  18.960  -36.949 1.00 45.96 ? 301 G   E N3    1 
ATOM   700 C C4    . G   E 1 1 ? 10.538  19.566  -36.460 1.00 46.29 ? 301 G   E C4    1 
ATOM   701 P P     . I   E 1 2 ? 7.099   18.870  -41.556 1.00 59.34 ? 302 I   E P     1 
ATOM   702 O OP1   . I   E 1 2 ? 6.718   18.995  -42.983 1.00 58.15 ? 302 I   E OP1   1 
ATOM   703 O OP2   . I   E 1 2 ? 6.057   18.565  -40.538 1.00 58.40 ? 302 I   E OP2   1 
ATOM   704 O "O5'" . I   E 1 2 ? 8.212   17.743  -41.425 1.00 61.29 ? 302 I   E "O5'" 1 
ATOM   705 C "C5'" . I   E 1 2 ? 9.414   17.817  -42.185 1.00 65.72 ? 302 I   E "C5'" 1 
ATOM   706 C "C4'" . I   E 1 2 ? 10.408  16.795  -41.684 1.00 68.76 ? 302 I   E "C4'" 1 
ATOM   707 O "O4'" . I   E 1 2 ? 10.820  17.135  -40.331 1.00 68.97 ? 302 I   E "O4'" 1 
ATOM   708 C "C3'" . I   E 1 2 ? 9.882   15.373  -41.546 1.00 71.05 ? 302 I   E "C3'" 1 
ATOM   709 O "O3'" . I   E 1 2 ? 9.852   14.707  -42.817 1.00 73.87 ? 302 I   E "O3'" 1 
ATOM   710 C "C2'" . I   E 1 2 ? 10.875  14.761  -40.554 1.00 70.08 ? 302 I   E "C2'" 1 
ATOM   711 O "O2'" . I   E 1 2 ? 12.091  14.334  -41.143 1.00 71.23 ? 302 I   E "O2'" 1 
ATOM   712 C "C1'" . I   E 1 2 ? 11.164  15.949  -39.631 1.00 68.02 ? 302 I   E "C1'" 1 
ATOM   713 N N9    . I   E 1 2 ? 10.442  15.912  -38.362 1.00 65.73 ? 302 I   E N9    1 
ATOM   714 C C8    . I   E 1 2 ? 9.280   16.568  -38.028 1.00 64.54 ? 302 I   E C8    1 
ATOM   715 N N7    . I   E 1 2 ? 8.892   16.328  -36.805 1.00 64.11 ? 302 I   E N7    1 
ATOM   716 C C5    . I   E 1 2 ? 9.853   15.460  -36.301 1.00 64.78 ? 302 I   E C5    1 
ATOM   717 C C6    . I   E 1 2 ? 9.970   14.836  -35.008 1.00 65.09 ? 302 I   E C6    1 
ATOM   718 O O6    . I   E 1 2 ? 9.217   14.924  -34.029 1.00 64.56 ? 302 I   E O6    1 
ATOM   719 N N1    . I   E 1 2 ? 11.106  14.038  -34.928 1.00 65.27 ? 302 I   E N1    1 
ATOM   720 C C2    . I   E 1 2 ? 12.010  13.849  -35.950 1.00 66.13 ? 302 I   E C2    1 
ATOM   721 N N3    . I   E 1 2 ? 11.909  14.410  -37.151 1.00 65.27 ? 302 I   E N3    1 
ATOM   722 C C4    . I   E 1 2 ? 10.816  15.196  -37.253 1.00 65.17 ? 302 I   E C4    1 
ATOM   723 P P     . C   E 1 3 ? 8.664   13.660  -43.156 1.00 75.10 ? 303 C   E P     1 
ATOM   724 O OP1   . C   E 1 3 ? 8.801   13.333  -44.601 1.00 74.18 ? 303 C   E OP1   1 
ATOM   725 O OP2   . C   E 1 3 ? 7.364   14.180  -42.639 1.00 73.84 ? 303 C   E OP2   1 
ATOM   726 O "O5'" . C   E 1 3 ? 9.047   12.368  -42.305 1.00 74.07 ? 303 C   E "O5'" 1 
ATOM   727 C "C5'" . C   E 1 3 ? 10.261  11.674  -42.566 1.00 74.24 ? 303 C   E "C5'" 1 
ATOM   728 C "C4'" . C   E 1 3 ? 10.581  10.717  -41.443 1.00 75.08 ? 303 C   E "C4'" 1 
ATOM   729 O "O4'" . C   E 1 3 ? 10.749  11.449  -40.199 1.00 74.10 ? 303 C   E "O4'" 1 
ATOM   730 C "C3'" . C   E 1 3 ? 9.517   9.697   -41.069 1.00 76.69 ? 303 C   E "C3'" 1 
ATOM   731 O "O3'" . C   E 1 3 ? 9.439   8.607   -41.985 1.00 80.25 ? 303 C   E "O3'" 1 
ATOM   732 C "C2'" . C   E 1 3 ? 10.003  9.249   -39.694 1.00 75.25 ? 303 C   E "C2'" 1 
ATOM   733 O "O2'" . C   E 1 3 ? 11.083  8.330   -39.747 1.00 74.97 ? 303 C   E "O2'" 1 
ATOM   734 C "C1'" . C   E 1 3 ? 10.481  10.577  -39.104 1.00 73.29 ? 303 C   E "C1'" 1 
ATOM   735 N N1    . C   E 1 3 ? 9.496   11.201  -38.194 1.00 70.54 ? 303 C   E N1    1 
ATOM   736 C C2    . C   E 1 3 ? 9.403   10.725  -36.858 1.00 70.05 ? 303 C   E C2    1 
ATOM   737 O O2    . C   E 1 3 ? 10.125  9.775   -36.491 1.00 69.28 ? 303 C   E O2    1 
ATOM   738 N N3    . C   E 1 3 ? 8.526   11.307  -36.008 1.00 69.45 ? 303 C   E N3    1 
ATOM   739 C C4    . C   E 1 3 ? 7.753   12.309  -36.434 1.00 69.23 ? 303 C   E C4    1 
ATOM   740 N N4    . C   E 1 3 ? 6.908   12.852  -35.553 1.00 68.88 ? 303 C   E N4    1 
ATOM   741 C C5    . C   E 1 3 ? 7.812   12.797  -37.782 1.00 68.82 ? 303 C   E C5    1 
ATOM   742 C C6    . C   E 1 3 ? 8.689   12.222  -38.615 1.00 68.95 ? 303 C   E C6    1 
ATOM   743 P P     . G   E 1 4 ? 8.062   7.769   -42.114 1.00 82.42 ? 304 G   E P     1 
ATOM   744 O OP1   . G   E 1 4 ? 8.292   6.609   -43.026 1.00 82.36 ? 304 G   E OP1   1 
ATOM   745 O OP2   . G   E 1 4 ? 6.974   8.741   -42.418 1.00 81.34 ? 304 G   E OP2   1 
ATOM   746 O "O5'" . G   E 1 4 ? 7.828   7.196   -40.648 1.00 81.32 ? 304 G   E "O5'" 1 
ATOM   747 C "C5'" . G   E 1 4 ? 8.822   6.396   -40.021 1.00 82.41 ? 304 G   E "C5'" 1 
ATOM   748 C "C4'" . G   E 1 4 ? 8.489   6.221   -38.570 1.00 83.34 ? 304 G   E "C4'" 1 
ATOM   749 O "O4'" . G   E 1 4 ? 8.488   7.511   -37.916 1.00 83.36 ? 304 G   E "O4'" 1 
ATOM   750 C "C3'" . G   E 1 4 ? 7.088   5.698   -38.333 1.00 84.51 ? 304 G   E "C3'" 1 
ATOM   751 O "O3'" . G   E 1 4 ? 7.084   4.285   -38.431 1.00 85.49 ? 304 G   E "O3'" 1 
ATOM   752 C "C2'" . G   E 1 4 ? 6.799   6.164   -36.916 1.00 84.69 ? 304 G   E "C2'" 1 
ATOM   753 O "O2'" . G   E 1 4 ? 7.365   5.336   -35.923 1.00 85.06 ? 304 G   E "O2'" 1 
ATOM   754 C "C1'" . G   E 1 4 ? 7.497   7.521   -36.903 1.00 84.51 ? 304 G   E "C1'" 1 
ATOM   755 N N9    . G   E 1 4 ? 6.575   8.623   -37.149 1.00 85.49 ? 304 G   E N9    1 
ATOM   756 C C8    . G   E 1 4 ? 6.274   9.230   -38.350 1.00 85.62 ? 304 G   E C8    1 
ATOM   757 N N7    . G   E 1 4 ? 5.425   10.218  -38.225 1.00 86.00 ? 304 G   E N7    1 
ATOM   758 C C5    . G   E 1 4 ? 5.145   10.262  -36.859 1.00 85.76 ? 304 G   E C5    1 
ATOM   759 C C6    . G   E 1 4 ? 4.294   11.142  -36.101 1.00 85.19 ? 304 G   E C6    1 
ATOM   760 O O6    . G   E 1 4 ? 3.612   12.101  -36.497 1.00 85.01 ? 304 G   E O6    1 
ATOM   761 N N1    . G   E 1 4 ? 4.297   10.809  -34.749 1.00 84.59 ? 304 G   E N1    1 
ATOM   762 C C2    . G   E 1 4 ? 5.015   9.778   -34.187 1.00 84.53 ? 304 G   E C2    1 
ATOM   763 N N2    . G   E 1 4 ? 4.852   9.593   -32.873 1.00 84.04 ? 304 G   E N2    1 
ATOM   764 N N3    . G   E 1 4 ? 5.824   8.979   -34.866 1.00 84.75 ? 304 G   E N3    1 
ATOM   765 C C4    . G   E 1 4 ? 5.836   9.273   -36.187 1.00 85.55 ? 304 G   E C4    1 
ATOM   766 P P     . A   E 1 5 ? 5.878   3.547   -39.189 1.00 86.33 ? 305 A   E P     1 
ATOM   767 O OP1   . A   E 1 5 ? 6.320   3.231   -40.584 1.00 85.43 ? 305 A   E OP1   1 
ATOM   768 O OP2   . A   E 1 5 ? 4.644   4.363   -38.962 1.00 85.61 ? 305 A   E OP2   1 
ATOM   769 O "O5'" . A   E 1 5 ? 5.704   2.185   -38.381 1.00 84.61 ? 305 A   E "O5'" 1 
ATOM   770 C "C5'" . A   E 1 5 ? 6.819   1.331   -38.106 1.00 81.56 ? 305 A   E "C5'" 1 
ATOM   771 C "C4'" . A   E 1 5 ? 6.639   0.662   -36.759 1.00 79.47 ? 305 A   E "C4'" 1 
ATOM   772 O "O4'" . A   E 1 5 ? 6.762   1.660   -35.695 1.00 78.60 ? 305 A   E "O4'" 1 
ATOM   773 C "C3'" . A   E 1 5 ? 5.264   0.048   -36.517 1.00 78.64 ? 305 A   E "C3'" 1 
ATOM   774 O "O3'" . A   E 1 5 ? 5.069   -1.226  -37.156 1.00 76.13 ? 305 A   E "O3'" 1 
ATOM   775 C "C2'" . A   E 1 5 ? 5.202   0.012   -34.990 1.00 78.12 ? 305 A   E "C2'" 1 
ATOM   776 O "O2'" . A   E 1 5 ? 5.938   -1.053  -34.412 1.00 78.72 ? 305 A   E "O2'" 1 
ATOM   777 C "C1'" . A   E 1 5 ? 5.867   1.342   -34.636 1.00 76.95 ? 305 A   E "C1'" 1 
ATOM   778 N N9    . A   E 1 5 ? 4.907   2.437   -34.469 1.00 74.40 ? 305 A   E N9    1 
ATOM   779 C C8    . A   E 1 5 ? 4.694   3.552   -35.247 1.00 72.71 ? 305 A   E C8    1 
ATOM   780 N N7    . A   E 1 5 ? 3.779   4.358   -34.774 1.00 72.50 ? 305 A   E N7    1 
ATOM   781 C C5    . A   E 1 5 ? 3.348   3.725   -33.610 1.00 73.90 ? 305 A   E C5    1 
ATOM   782 C C6    . A   E 1 5 ? 2.373   4.067   -32.627 1.00 74.67 ? 305 A   E C6    1 
ATOM   783 N N6    . A   E 1 5 ? 1.637   5.189   -32.658 1.00 74.61 ? 305 A   E N6    1 
ATOM   784 N N1    . A   E 1 5 ? 2.186   3.200   -31.596 1.00 74.04 ? 305 A   E N1    1 
ATOM   785 C C2    . A   E 1 5 ? 2.923   2.078   -31.560 1.00 73.16 ? 305 A   E C2    1 
ATOM   786 N N3    . A   E 1 5 ? 3.860   1.654   -32.414 1.00 72.93 ? 305 A   E N3    1 
ATOM   787 C C4    . A   E 1 5 ? 4.025   2.534   -33.422 1.00 73.59 ? 305 A   E C4    1 
ATOM   788 P P     . G   E 1 6 ? 3.647   -1.554  -37.872 1.00 74.96 ? 306 G   E P     1 
ATOM   789 O OP1   . G   E 1 6 ? 3.520   -3.029  -38.040 1.00 73.55 ? 306 G   E OP1   1 
ATOM   790 O OP2   . G   E 1 6 ? 3.533   -0.674  -39.073 1.00 74.33 ? 306 G   E OP2   1 
ATOM   791 O "O5'" . G   E 1 6 ? 2.558   -1.077  -36.797 1.00 71.44 ? 306 G   E "O5'" 1 
ATOM   792 C "C5'" . G   E 1 6 ? 2.639   -1.523  -35.444 1.00 66.18 ? 306 G   E "C5'" 1 
ATOM   793 C "C4'" . G   E 1 6 ? 1.700   -0.750  -34.565 1.00 62.19 ? 306 G   E "C4'" 1 
ATOM   794 O "O4'" . G   E 1 6 ? 2.045   0.652   -34.539 1.00 60.15 ? 306 G   E "O4'" 1 
ATOM   795 C "C3'" . G   E 1 6 ? 0.271   -0.710  -35.043 1.00 62.42 ? 306 G   E "C3'" 1 
ATOM   796 O "O3'" . G   E 1 6 ? -0.384  -1.937  -34.783 1.00 65.70 ? 306 G   E "O3'" 1 
ATOM   797 C "C2'" . G   E 1 6 ? -0.302  0.431   -34.218 1.00 61.57 ? 306 G   E "C2'" 1 
ATOM   798 O "O2'" . G   E 1 6 ? -0.674  0.068   -32.907 1.00 61.51 ? 306 G   E "O2'" 1 
ATOM   799 C "C1'" . G   E 1 6 ? 0.887   1.387   -34.159 1.00 61.42 ? 306 G   E "C1'" 1 
ATOM   800 N N9    . G   E 1 6 ? 0.691   2.537   -35.043 1.00 61.98 ? 306 G   E N9    1 
ATOM   801 C C8    . G   E 1 6 ? 1.320   2.809   -36.239 1.00 61.50 ? 306 G   E C8    1 
ATOM   802 N N7    . G   E 1 6 ? 0.899   3.920   -36.796 1.00 61.01 ? 306 G   E N7    1 
ATOM   803 C C5    . G   E 1 6 ? -0.066  4.417   -35.917 1.00 60.51 ? 306 G   E C5    1 
ATOM   804 C C6    . G   E 1 6 ? -0.888  5.606   -35.986 1.00 60.04 ? 306 G   E C6    1 
ATOM   805 O O6    . G   E 1 6 ? -0.933  6.474   -36.871 1.00 59.83 ? 306 G   E O6    1 
ATOM   806 N N1    . G   E 1 6 ? -1.718  5.722   -34.877 1.00 59.43 ? 306 G   E N1    1 
ATOM   807 C C2    . G   E 1 6 ? -1.770  4.830   -33.835 1.00 60.16 ? 306 G   E C2    1 
ATOM   808 N N2    . G   E 1 6 ? -2.638  5.136   -32.854 1.00 60.50 ? 306 G   E N2    1 
ATOM   809 N N3    . G   E 1 6 ? -1.029  3.723   -33.755 1.00 60.03 ? 306 G   E N3    1 
ATOM   810 C C4    . G   E 1 6 ? -0.204  3.583   -34.824 1.00 60.92 ? 306 G   E C4    1 
ATOM   811 P P     . C   E 1 7 ? -1.662  -2.353  -35.670 1.00 69.55 ? 307 C   E P     1 
ATOM   812 O OP1   . C   E 1 7 ? -2.049  -3.752  -35.286 1.00 67.65 ? 307 C   E OP1   1 
ATOM   813 O OP2   . C   E 1 7 ? -1.313  -2.054  -37.092 1.00 68.09 ? 307 C   E OP2   1 
ATOM   814 O "O5'" . C   E 1 7 ? -2.806  -1.332  -35.199 1.00 65.88 ? 307 C   E "O5'" 1 
ATOM   815 C "C5'" . C   E 1 7 ? -3.338  -1.413  -33.877 1.00 63.98 ? 307 C   E "C5'" 1 
ATOM   816 C "C4'" . C   E 1 7 ? -4.300  -0.286  -33.606 1.00 62.38 ? 307 C   E "C4'" 1 
ATOM   817 O "O4'" . C   E 1 7 ? -3.614  0.990   -33.675 1.00 61.28 ? 307 C   E "O4'" 1 
ATOM   818 C "C3'" . C   E 1 7 ? -5.423  -0.107  -34.600 1.00 62.97 ? 307 C   E "C3'" 1 
ATOM   819 O "O3'" . C   E 1 7 ? -6.460  -1.053  -34.427 1.00 66.63 ? 307 C   E "O3'" 1 
ATOM   820 C "C2'" . C   E 1 7 ? -5.887  1.302   -34.276 1.00 61.85 ? 307 C   E "C2'" 1 
ATOM   821 O "O2'" . C   E 1 7 ? -6.686  1.360   -33.109 1.00 59.19 ? 307 C   E "O2'" 1 
ATOM   822 C "C1'" . C   E 1 7 ? -4.545  2.002   -34.054 1.00 62.22 ? 307 C   E "C1'" 1 
ATOM   823 N N1    . C   E 1 7 ? -4.057  2.683   -35.280 1.00 63.54 ? 307 C   E N1    1 
ATOM   824 C C2    . C   E 1 7 ? -4.593  3.976   -35.629 1.00 63.82 ? 307 C   E C2    1 
ATOM   825 O O2    . C   E 1 7 ? -5.455  4.513   -34.895 1.00 64.01 ? 307 C   E O2    1 
ATOM   826 N N3    . C   E 1 7 ? -4.152  4.590   -36.754 1.00 62.82 ? 307 C   E N3    1 
ATOM   827 C C4    . C   E 1 7 ? -3.238  3.992   -37.528 1.00 62.82 ? 307 C   E C4    1 
ATOM   828 N N4    . C   E 1 7 ? -2.844  4.639   -38.627 1.00 62.55 ? 307 C   E N4    1 
ATOM   829 C C5    . C   E 1 7 ? -2.685  2.702   -37.207 1.00 62.49 ? 307 C   E C5    1 
ATOM   830 C C6    . C   E 1 7 ? -3.116  2.092   -36.086 1.00 62.79 ? 307 C   E C6    1 
ATOM   831 P P     . C   E 1 8 ? -7.303  -1.540  -35.715 1.00 70.92 ? 308 C   E P     1 
ATOM   832 O OP1   . C   E 1 8 ? -8.330  -2.517  -35.256 1.00 70.68 ? 308 C   E OP1   1 
ATOM   833 O OP2   . C   E 1 8 ? -6.314  -1.951  -36.765 1.00 70.05 ? 308 C   E OP2   1 
ATOM   834 O "O5'" . C   E 1 8 ? -8.060  -0.221  -36.225 1.00 68.68 ? 308 C   E "O5'" 1 
ATOM   835 C "C5'" . C   E 1 8 ? -9.015  0.447   -35.400 1.00 65.68 ? 308 C   E "C5'" 1 
ATOM   836 C "C4'" . C   E 1 8 ? -9.464  1.747   -36.038 1.00 65.11 ? 308 C   E "C4'" 1 
ATOM   837 O "O4'" . C   E 1 8 ? -8.323  2.612   -36.284 1.00 65.00 ? 308 C   E "O4'" 1 
ATOM   838 C "C3'" . C   E 1 8 ? -10.118 1.671   -37.404 1.00 65.69 ? 308 C   E "C3'" 1 
ATOM   839 O "O3'" . C   E 1 8 ? -11.413 1.057   -37.358 1.00 67.49 ? 308 C   E "O3'" 1 
ATOM   840 C "C2'" . C   E 1 8 ? -10.012 3.124   -37.883 1.00 64.79 ? 308 C   E "C2'" 1 
ATOM   841 O "O2'" . C   E 1 8 ? -10.960 4.018   -37.310 1.00 65.38 ? 308 C   E "O2'" 1 
ATOM   842 C "C1'" . C   E 1 8 ? -8.622  3.503   -37.365 1.00 62.75 ? 308 C   E "C1'" 1 
ATOM   843 N N1    . C   E 1 8 ? -7.552  3.420   -38.391 1.00 58.85 ? 308 C   E N1    1 
ATOM   844 C C2    . C   E 1 8 ? -7.296  4.548   -39.215 1.00 56.20 ? 308 C   E C2    1 
ATOM   845 O O2    . C   E 1 8 ? -7.979  5.580   -39.078 1.00 53.09 ? 308 C   E O2    1 
ATOM   846 N N3    . C   E 1 8 ? -6.315  4.470   -40.143 1.00 55.06 ? 308 C   E N3    1 
ATOM   847 C C4    . C   E 1 8 ? -5.612  3.335   -40.290 1.00 55.73 ? 308 C   E C4    1 
ATOM   848 N N4    . C   E 1 8 ? -4.666  3.298   -41.238 1.00 55.06 ? 308 C   E N4    1 
ATOM   849 C C5    . C   E 1 8 ? -5.850  2.184   -39.476 1.00 56.09 ? 308 C   E C5    1 
ATOM   850 C C6    . C   E 1 8 ? -6.817  2.270   -38.550 1.00 57.68 ? 308 C   E C6    1 
HETATM 851 O O     . HOH F 2 . ? -12.192 -12.582 -14.070 1.00 36.27 ? 516 HOH A O     1 
HETATM 852 O O     . HOH G 2 . ? 8.552   -6.042  -34.548 1.00 33.26 ? 506 HOH B O     1 
HETATM 853 O O     . HOH G 2 . ? 4.163   -11.948 -22.557 1.00 54.29 ? 507 HOH B O     1 
HETATM 854 O O     . HOH G 2 . ? -11.463 -9.265  -17.357 1.00 59.01 ? 508 HOH B O     1 
HETATM 855 O O     . HOH G 2 . ? 1.517   -16.975 -22.997 1.00 28.62 ? 515 HOH B O     1 
HETATM 856 O O     . HOH H 2 . ? 8.774   12.698  36.078  1.00 66.68 ? 501 HOH C O     1 
HETATM 857 O O     . HOH H 2 . ? -1.963  -1.846  41.140  1.00 62.30 ? 504 HOH C O     1 
HETATM 858 O O     . HOH H 2 . ? 4.794   12.094  38.101  1.00 28.85 ? 517 HOH C O     1 
HETATM 859 O O     . HOH I 2 . ? -1.545  -0.121  30.986  1.00 30.52 ? 502 HOH D O     1 
HETATM 860 O O     . HOH I 2 . ? 0.316   -0.099  38.911  1.00 38.15 ? 503 HOH D O     1 
HETATM 861 O O     . HOH I 2 . ? 3.524   9.302   53.980  1.00 32.10 ? 505 HOH D O     1 
HETATM 862 O O     . HOH I 2 . ? -4.589  7.478   50.237  1.00 37.60 ? 518 HOH D O     1 
HETATM 863 O O     . HOH J 2 . ? 7.057   12.587  -40.775 1.00 22.66 ? 509 HOH E O     1 
HETATM 864 O O     . HOH J 2 . ? 15.154  15.740  -35.120 1.00 15.81 ? 510 HOH E O     1 
HETATM 865 O O     . HOH J 2 . ? -10.170 1.967   -33.653 1.00 28.88 ? 511 HOH E O     1 
HETATM 866 O O     . HOH J 2 . ? -7.502  4.020   -33.175 1.00 21.80 ? 512 HOH E O     1 
HETATM 867 O O     . HOH J 2 . ? -2.083  1.957   -32.226 1.00 17.93 ? 513 HOH E O     1 
HETATM 868 O O     . HOH J 2 . ? 0.539   7.260   -31.694 1.00 35.02 ? 514 HOH E O     1 
HETATM 869 O O     . HOH J 2 . ? 11.272  5.809   -42.790 1.00 53.05 ? 519 HOH E O     1 
HETATM 870 O O     . HOH J 2 . ? -4.401  -4.684  -37.029 1.00 41.65 ? 520 HOH E O     1 
# 
